data_1KSE
# 
_entry.id   1KSE 
# 
_audit_conform.dict_name       mmcif_pdbx.dic 
_audit_conform.dict_version    5.392 
_audit_conform.dict_location   http://mmcif.pdb.org/dictionaries/ascii/mmcif_pdbx.dic 
# 
loop_
_database_2.database_id 
_database_2.database_code 
_database_2.pdbx_database_accession 
_database_2.pdbx_DOI 
PDB   1KSE         pdb_00001kse 10.2210/pdb1kse/pdb 
RCSB  RCSB015293   ?            ?                   
WWPDB D_1000015293 ?            ?                   
# 
loop_
_pdbx_audit_revision_history.ordinal 
_pdbx_audit_revision_history.data_content_type 
_pdbx_audit_revision_history.major_revision 
_pdbx_audit_revision_history.minor_revision 
_pdbx_audit_revision_history.revision_date 
1 'Structure model' 1 0 2002-05-08 
2 'Structure model' 1 1 2008-04-27 
3 'Structure model' 1 2 2011-07-13 
4 'Structure model' 1 3 2022-02-23 
5 'Structure model' 1 4 2024-05-22 
# 
_pdbx_audit_revision_details.ordinal             1 
_pdbx_audit_revision_details.revision_ordinal    1 
_pdbx_audit_revision_details.data_content_type   'Structure model' 
_pdbx_audit_revision_details.provider            repository 
_pdbx_audit_revision_details.type                'Initial release' 
_pdbx_audit_revision_details.description         ? 
_pdbx_audit_revision_details.details             ? 
# 
loop_
_pdbx_audit_revision_group.ordinal 
_pdbx_audit_revision_group.revision_ordinal 
_pdbx_audit_revision_group.data_content_type 
_pdbx_audit_revision_group.group 
1 2 'Structure model' 'Version format compliance' 
2 3 'Structure model' 'Version format compliance' 
3 4 'Structure model' 'Database references'       
4 4 'Structure model' 'Derived calculations'      
5 5 'Structure model' 'Data collection'           
# 
loop_
_pdbx_audit_revision_category.ordinal 
_pdbx_audit_revision_category.revision_ordinal 
_pdbx_audit_revision_category.data_content_type 
_pdbx_audit_revision_category.category 
1 4 'Structure model' database_2            
2 4 'Structure model' pdbx_struct_assembly  
3 4 'Structure model' pdbx_struct_oper_list 
4 4 'Structure model' struct_conn           
5 4 'Structure model' struct_site           
6 5 'Structure model' chem_comp_atom        
7 5 'Structure model' chem_comp_bond        
# 
loop_
_pdbx_audit_revision_item.ordinal 
_pdbx_audit_revision_item.revision_ordinal 
_pdbx_audit_revision_item.data_content_type 
_pdbx_audit_revision_item.item 
1  4 'Structure model' '_database_2.pdbx_DOI'                
2  4 'Structure model' '_database_2.pdbx_database_accession' 
3  4 'Structure model' '_struct_conn.pdbx_dist_value'        
4  4 'Structure model' '_struct_conn.pdbx_leaving_atom_flag' 
5  4 'Structure model' '_struct_conn.ptnr1_auth_asym_id'     
6  4 'Structure model' '_struct_conn.ptnr1_auth_comp_id'     
7  4 'Structure model' '_struct_conn.ptnr1_auth_seq_id'      
8  4 'Structure model' '_struct_conn.ptnr1_label_asym_id'    
9  4 'Structure model' '_struct_conn.ptnr1_label_atom_id'    
10 4 'Structure model' '_struct_conn.ptnr1_label_comp_id'    
11 4 'Structure model' '_struct_conn.ptnr1_label_seq_id'     
12 4 'Structure model' '_struct_conn.ptnr2_auth_asym_id'     
13 4 'Structure model' '_struct_conn.ptnr2_auth_comp_id'     
14 4 'Structure model' '_struct_conn.ptnr2_auth_seq_id'      
15 4 'Structure model' '_struct_conn.ptnr2_label_asym_id'    
16 4 'Structure model' '_struct_conn.ptnr2_label_atom_id'    
17 4 'Structure model' '_struct_conn.ptnr2_label_comp_id'    
18 4 'Structure model' '_struct_conn.ptnr2_label_seq_id'     
19 4 'Structure model' '_struct_site.pdbx_auth_asym_id'      
20 4 'Structure model' '_struct_site.pdbx_auth_comp_id'      
21 4 'Structure model' '_struct_site.pdbx_auth_seq_id'       
# 
_pdbx_database_status.status_code                     REL 
_pdbx_database_status.entry_id                        1KSE 
_pdbx_database_status.recvd_initial_deposition_date   2002-01-12 
_pdbx_database_status.deposit_site                    RCSB 
_pdbx_database_status.process_site                    RCSB 
_pdbx_database_status.SG_entry                        . 
_pdbx_database_status.pdb_format_compatible           Y 
_pdbx_database_status.status_code_mr                  ? 
_pdbx_database_status.status_code_sf                  ? 
_pdbx_database_status.status_code_cs                  ? 
_pdbx_database_status.status_code_nmr_data            ? 
_pdbx_database_status.methods_development_category    ? 
# 
loop_
_audit_author.name 
_audit_author.pdbx_ordinal 
'Tuma, J.'        1 
'Connors, W.H.'   2 
'Stitelman, D.H.' 3 
'Richert, C.'     4 
# 
_citation.id                        primary 
_citation.title                     'On the effect of covalently appended quinolones on termini of DNA duplexes.' 
_citation.journal_abbrev            J.Am.Chem.Soc. 
_citation.journal_volume            124 
_citation.page_first                4236 
_citation.page_last                 4246 
_citation.year                      2002 
_citation.journal_id_ASTM           JACSAT 
_citation.country                   US 
_citation.journal_id_ISSN           0002-7863 
_citation.journal_id_CSD            0004 
_citation.book_publisher            ? 
_citation.pdbx_database_id_PubMed   11960452 
_citation.pdbx_database_id_DOI      10.1021/ja0125117 
# 
loop_
_citation_author.citation_id 
_citation_author.name 
_citation_author.ordinal 
_citation_author.identifier_ORCID 
primary 'Tuma, J.'        1 ? 
primary 'Connors, W.H.'   2 ? 
primary 'Stitelman, D.H.' 3 ? 
primary 'Richert, C.'     4 ? 
# 
loop_
_entity.id 
_entity.type 
_entity.src_method 
_entity.pdbx_description 
_entity.formula_weight 
_entity.pdbx_number_of_molecules 
_entity.pdbx_ec 
_entity.pdbx_mutation 
_entity.pdbx_fragment 
_entity.details 
1 polymer     syn "5'-D(*(5AT)P*GP*CP*GP*CP*A)-3'" 1728.254 2 ? ? ? 'Quinolone-DNA hybrid' 
2 non-polymer syn 'OXOLINIC ACID'                  261.230  2 ? ? ? ?                      
# 
_entity_poly.entity_id                      1 
_entity_poly.type                           polydeoxyribonucleotide 
_entity_poly.nstd_linkage                   no 
_entity_poly.nstd_monomer                   yes 
_entity_poly.pdbx_seq_one_letter_code       '(5AT)(DG)(DC)(DG)(DC)(DA)' 
_entity_poly.pdbx_seq_one_letter_code_can   TGCGCA 
_entity_poly.pdbx_strand_id                 A,B 
_entity_poly.pdbx_target_identifier         ? 
# 
_pdbx_entity_nonpoly.entity_id   2 
_pdbx_entity_nonpoly.name        'OXOLINIC ACID' 
_pdbx_entity_nonpoly.comp_id     OXI 
# 
loop_
_entity_poly_seq.entity_id 
_entity_poly_seq.num 
_entity_poly_seq.mon_id 
_entity_poly_seq.hetero 
1 1 5AT n 
1 2 DG  n 
1 3 DC  n 
1 4 DG  n 
1 5 DC  n 
1 6 DA  n 
# 
_pdbx_entity_src_syn.entity_id              1 
_pdbx_entity_src_syn.pdbx_src_id            1 
_pdbx_entity_src_syn.pdbx_alt_source_flag   sample 
_pdbx_entity_src_syn.pdbx_beg_seq_num       ? 
_pdbx_entity_src_syn.pdbx_end_seq_num       ? 
_pdbx_entity_src_syn.organism_scientific    ? 
_pdbx_entity_src_syn.organism_common_name   ? 
_pdbx_entity_src_syn.ncbi_taxonomy_id       ? 
_pdbx_entity_src_syn.details                'Custom synthesized by the authors' 
# 
loop_
_chem_comp.id 
_chem_comp.type 
_chem_comp.mon_nstd_flag 
_chem_comp.name 
_chem_comp.pdbx_synonyms 
_chem_comp.formula 
_chem_comp.formula_weight 
5AT 'DNA linking' n "5'-AMINO-5'-DEOXYTHYMIDINE"         ? 'C10 H15 N3 O4'   241.244 
DA  'DNA linking' y "2'-DEOXYADENOSINE-5'-MONOPHOSPHATE" ? 'C10 H14 N5 O6 P' 331.222 
DC  'DNA linking' y "2'-DEOXYCYTIDINE-5'-MONOPHOSPHATE"  ? 'C9 H14 N3 O7 P'  307.197 
DG  'DNA linking' y "2'-DEOXYGUANOSINE-5'-MONOPHOSPHATE" ? 'C10 H14 N5 O7 P' 347.221 
OXI non-polymer   . 'OXOLINIC ACID'                      ? 'C13 H11 N O5'    261.230 
# 
loop_
_pdbx_poly_seq_scheme.asym_id 
_pdbx_poly_seq_scheme.entity_id 
_pdbx_poly_seq_scheme.seq_id 
_pdbx_poly_seq_scheme.mon_id 
_pdbx_poly_seq_scheme.ndb_seq_num 
_pdbx_poly_seq_scheme.pdb_seq_num 
_pdbx_poly_seq_scheme.auth_seq_num 
_pdbx_poly_seq_scheme.pdb_mon_id 
_pdbx_poly_seq_scheme.auth_mon_id 
_pdbx_poly_seq_scheme.pdb_strand_id 
_pdbx_poly_seq_scheme.pdb_ins_code 
_pdbx_poly_seq_scheme.hetero 
A 1 1 5AT 1 1 1 5AT T A . n 
A 1 2 DG  2 2 2 DG  G A . n 
A 1 3 DC  3 3 3 DC  C A . n 
A 1 4 DG  4 4 4 DG  G A . n 
A 1 5 DC  5 5 5 DC  C A . n 
A 1 6 DA  6 6 6 DA  A A . n 
B 1 1 5AT 1 1 1 5AT T B . n 
B 1 2 DG  2 2 2 DG  G B . n 
B 1 3 DC  3 3 3 DC  C B . n 
B 1 4 DG  4 4 4 DG  G B . n 
B 1 5 DC  5 5 5 DC  C B . n 
B 1 6 DA  6 6 6 DA  A B . n 
# 
loop_
_pdbx_nonpoly_scheme.asym_id 
_pdbx_nonpoly_scheme.entity_id 
_pdbx_nonpoly_scheme.mon_id 
_pdbx_nonpoly_scheme.ndb_seq_num 
_pdbx_nonpoly_scheme.pdb_seq_num 
_pdbx_nonpoly_scheme.auth_seq_num 
_pdbx_nonpoly_scheme.pdb_mon_id 
_pdbx_nonpoly_scheme.auth_mon_id 
_pdbx_nonpoly_scheme.pdb_strand_id 
_pdbx_nonpoly_scheme.pdb_ins_code 
C 2 OXI 1 0 1 OXI T A . 
D 2 OXI 1 0 1 OXI T B . 
# 
_exptl.entry_id          1KSE 
_exptl.method            'SOLUTION NMR' 
_exptl.crystals_number   ? 
# 
_exptl_crystal.id                    1 
_exptl_crystal.density_meas          ? 
_exptl_crystal.density_Matthews      ? 
_exptl_crystal.density_percent_sol   ? 
_exptl_crystal.description           ? 
# 
_diffrn.id                     1 
_diffrn.crystal_id             1 
_diffrn.ambient_temp           ? 
_diffrn.ambient_temp_details   ? 
# 
_diffrn_radiation.diffrn_id                        1 
_diffrn_radiation.wavelength_id                    1 
_diffrn_radiation.pdbx_monochromatic_or_laue_m_l   M 
_diffrn_radiation.monochromator                    ? 
_diffrn_radiation.pdbx_diffrn_protocol             'SINGLE WAVELENGTH' 
_diffrn_radiation.pdbx_scattering_type             ? 
# 
_diffrn_radiation_wavelength.id           1 
_diffrn_radiation_wavelength.wavelength   . 
_diffrn_radiation_wavelength.wt           1.0 
# 
_struct.entry_id                  1KSE 
_struct.title                     'Solution Structure of a quinolone-capped DNA duplex' 
_struct.pdbx_model_details        ? 
_struct.pdbx_CASP_flag            ? 
_struct.pdbx_model_type_details   ? 
# 
_struct_keywords.entry_id        1KSE 
_struct_keywords.pdbx_keywords   DNA 
_struct_keywords.text            'DNA, quinolone, Synthetic hybrid, disrupted terminal basepairs' 
# 
loop_
_struct_asym.id 
_struct_asym.pdbx_blank_PDB_chainid_flag 
_struct_asym.pdbx_modified 
_struct_asym.entity_id 
_struct_asym.details 
A N N 1 ? 
B N N 1 ? 
C N N 2 ? 
D N N 2 ? 
# 
_struct_ref.id                         1 
_struct_ref.entity_id                  1 
_struct_ref.db_name                    PDB 
_struct_ref.db_code                    1KSE 
_struct_ref.pdbx_db_accession          1KSE 
_struct_ref.pdbx_db_isoform            ? 
_struct_ref.pdbx_seq_one_letter_code   ? 
_struct_ref.pdbx_align_begin           ? 
# 
loop_
_struct_ref_seq.align_id 
_struct_ref_seq.ref_id 
_struct_ref_seq.pdbx_PDB_id_code 
_struct_ref_seq.pdbx_strand_id 
_struct_ref_seq.seq_align_beg 
_struct_ref_seq.pdbx_seq_align_beg_ins_code 
_struct_ref_seq.seq_align_end 
_struct_ref_seq.pdbx_seq_align_end_ins_code 
_struct_ref_seq.pdbx_db_accession 
_struct_ref_seq.db_align_beg 
_struct_ref_seq.pdbx_db_align_beg_ins_code 
_struct_ref_seq.db_align_end 
_struct_ref_seq.pdbx_db_align_end_ins_code 
_struct_ref_seq.pdbx_auth_seq_align_beg 
_struct_ref_seq.pdbx_auth_seq_align_end 
1 1 1KSE A 1 ? 6 ? 1KSE 1 ? 6 ? 1 6 
2 1 1KSE B 1 ? 6 ? 1KSE 1 ? 6 ? 1 6 
# 
_pdbx_struct_assembly.id                   1 
_pdbx_struct_assembly.details              author_defined_assembly 
_pdbx_struct_assembly.method_details       ? 
_pdbx_struct_assembly.oligomeric_details   dimeric 
_pdbx_struct_assembly.oligomeric_count     2 
# 
_pdbx_struct_assembly_gen.assembly_id       1 
_pdbx_struct_assembly_gen.oper_expression   1 
_pdbx_struct_assembly_gen.asym_id_list      A,B,C,D 
# 
_pdbx_struct_oper_list.id                   1 
_pdbx_struct_oper_list.type                 'identity operation' 
_pdbx_struct_oper_list.name                 1_555 
_pdbx_struct_oper_list.symmetry_operation   x,y,z 
_pdbx_struct_oper_list.matrix[1][1]         1.0000000000 
_pdbx_struct_oper_list.matrix[1][2]         0.0000000000 
_pdbx_struct_oper_list.matrix[1][3]         0.0000000000 
_pdbx_struct_oper_list.vector[1]            0.0000000000 
_pdbx_struct_oper_list.matrix[2][1]         0.0000000000 
_pdbx_struct_oper_list.matrix[2][2]         1.0000000000 
_pdbx_struct_oper_list.matrix[2][3]         0.0000000000 
_pdbx_struct_oper_list.vector[2]            0.0000000000 
_pdbx_struct_oper_list.matrix[3][1]         0.0000000000 
_pdbx_struct_oper_list.matrix[3][2]         0.0000000000 
_pdbx_struct_oper_list.matrix[3][3]         1.0000000000 
_pdbx_struct_oper_list.vector[3]            0.0000000000 
# 
_struct_biol.id   1 
# 
loop_
_struct_conn.id 
_struct_conn.conn_type_id 
_struct_conn.pdbx_leaving_atom_flag 
_struct_conn.pdbx_PDB_id 
_struct_conn.ptnr1_label_asym_id 
_struct_conn.ptnr1_label_comp_id 
_struct_conn.ptnr1_label_seq_id 
_struct_conn.ptnr1_label_atom_id 
_struct_conn.pdbx_ptnr1_label_alt_id 
_struct_conn.pdbx_ptnr1_PDB_ins_code 
_struct_conn.pdbx_ptnr1_standard_comp_id 
_struct_conn.ptnr1_symmetry 
_struct_conn.ptnr2_label_asym_id 
_struct_conn.ptnr2_label_comp_id 
_struct_conn.ptnr2_label_seq_id 
_struct_conn.ptnr2_label_atom_id 
_struct_conn.pdbx_ptnr2_label_alt_id 
_struct_conn.pdbx_ptnr2_PDB_ins_code 
_struct_conn.ptnr1_auth_asym_id 
_struct_conn.ptnr1_auth_comp_id 
_struct_conn.ptnr1_auth_seq_id 
_struct_conn.ptnr2_auth_asym_id 
_struct_conn.ptnr2_auth_comp_id 
_struct_conn.ptnr2_auth_seq_id 
_struct_conn.ptnr2_symmetry 
_struct_conn.pdbx_ptnr3_label_atom_id 
_struct_conn.pdbx_ptnr3_label_seq_id 
_struct_conn.pdbx_ptnr3_label_comp_id 
_struct_conn.pdbx_ptnr3_label_asym_id 
_struct_conn.pdbx_ptnr3_label_alt_id 
_struct_conn.pdbx_ptnr3_PDB_ins_code 
_struct_conn.details 
_struct_conn.pdbx_dist_value 
_struct_conn.pdbx_value_order 
_struct_conn.pdbx_role 
covale1  covale none ? C OXI . C1    ? ? ? 1_555 A 5AT 1 "N5'" ? ? A OXI 0 A 5AT 1 1_555 ? ? ? ? ? ? ?            1.350 ? ? 
covale2  covale both ? A 5AT 1 "O3'" ? ? ? 1_555 A DG  2 P     ? ? A 5AT 1 A DG  2 1_555 ? ? ? ? ? ? ?            1.607 ? ? 
covale3  covale none ? D OXI . C1    ? ? ? 1_555 B 5AT 1 "N5'" ? ? B OXI 0 B 5AT 1 1_555 ? ? ? ? ? ? ?            1.357 ? ? 
covale4  covale both ? B 5AT 1 "O3'" ? ? ? 1_555 B DG  2 P     ? ? B 5AT 1 B DG  2 1_555 ? ? ? ? ? ? ?            1.611 ? ? 
hydrog1  hydrog ?    ? A DG  2 N1    ? ? ? 1_555 B DC  5 N3    ? ? A DG  2 B DC  5 1_555 ? ? ? ? ? ? WATSON-CRICK ?     ? ? 
hydrog2  hydrog ?    ? A DG  2 N2    ? ? ? 1_555 B DC  5 O2    ? ? A DG  2 B DC  5 1_555 ? ? ? ? ? ? WATSON-CRICK ?     ? ? 
hydrog3  hydrog ?    ? A DG  2 O6    ? ? ? 1_555 B DC  5 N4    ? ? A DG  2 B DC  5 1_555 ? ? ? ? ? ? WATSON-CRICK ?     ? ? 
hydrog4  hydrog ?    ? A DC  3 N3    ? ? ? 1_555 B DG  4 N1    ? ? A DC  3 B DG  4 1_555 ? ? ? ? ? ? WATSON-CRICK ?     ? ? 
hydrog5  hydrog ?    ? A DC  3 N4    ? ? ? 1_555 B DG  4 O6    ? ? A DC  3 B DG  4 1_555 ? ? ? ? ? ? WATSON-CRICK ?     ? ? 
hydrog6  hydrog ?    ? A DC  3 O2    ? ? ? 1_555 B DG  4 N2    ? ? A DC  3 B DG  4 1_555 ? ? ? ? ? ? WATSON-CRICK ?     ? ? 
hydrog7  hydrog ?    ? A DG  4 N1    ? ? ? 1_555 B DC  3 N3    ? ? A DG  4 B DC  3 1_555 ? ? ? ? ? ? WATSON-CRICK ?     ? ? 
hydrog8  hydrog ?    ? A DG  4 N2    ? ? ? 1_555 B DC  3 O2    ? ? A DG  4 B DC  3 1_555 ? ? ? ? ? ? WATSON-CRICK ?     ? ? 
hydrog9  hydrog ?    ? A DG  4 O6    ? ? ? 1_555 B DC  3 N4    ? ? A DG  4 B DC  3 1_555 ? ? ? ? ? ? WATSON-CRICK ?     ? ? 
hydrog10 hydrog ?    ? A DC  5 N3    ? ? ? 1_555 B DG  2 N1    ? ? A DC  5 B DG  2 1_555 ? ? ? ? ? ? WATSON-CRICK ?     ? ? 
hydrog11 hydrog ?    ? A DC  5 N4    ? ? ? 1_555 B DG  2 O6    ? ? A DC  5 B DG  2 1_555 ? ? ? ? ? ? WATSON-CRICK ?     ? ? 
hydrog12 hydrog ?    ? A DC  5 O2    ? ? ? 1_555 B DG  2 N2    ? ? A DC  5 B DG  2 1_555 ? ? ? ? ? ? WATSON-CRICK ?     ? ? 
# 
loop_
_struct_conn_type.id 
_struct_conn_type.criteria 
_struct_conn_type.reference 
covale ? ? 
hydrog ? ? 
# 
loop_
_struct_site.id 
_struct_site.pdbx_evidence_code 
_struct_site.pdbx_auth_asym_id 
_struct_site.pdbx_auth_comp_id 
_struct_site.pdbx_auth_seq_id 
_struct_site.pdbx_auth_ins_code 
_struct_site.pdbx_num_residues 
_struct_site.details 
AC1 Software A OXI 0 ? 4 'BINDING SITE FOR RESIDUE OXI A 0' 
AC2 Software B OXI 0 ? 4 'BINDING SITE FOR RESIDUE OXI B 0' 
# 
loop_
_struct_site_gen.id 
_struct_site_gen.site_id 
_struct_site_gen.pdbx_num_res 
_struct_site_gen.label_comp_id 
_struct_site_gen.label_asym_id 
_struct_site_gen.label_seq_id 
_struct_site_gen.pdbx_auth_ins_code 
_struct_site_gen.auth_comp_id 
_struct_site_gen.auth_asym_id 
_struct_site_gen.auth_seq_id 
_struct_site_gen.label_atom_id 
_struct_site_gen.label_alt_id 
_struct_site_gen.symmetry 
_struct_site_gen.details 
1 AC1 4 5AT A 1 ? 5AT A 1 . ? 1_555 ? 
2 AC1 4 DG  A 2 ? DG  A 2 . ? 1_555 ? 
3 AC1 4 DC  B 5 ? DC  B 5 . ? 1_555 ? 
4 AC1 4 DA  B 6 ? DA  B 6 . ? 1_555 ? 
5 AC2 4 DC  A 5 ? DC  A 5 . ? 1_555 ? 
6 AC2 4 DA  A 6 ? DA  A 6 . ? 1_555 ? 
7 AC2 4 5AT B 1 ? 5AT B 1 . ? 1_555 ? 
8 AC2 4 DG  B 2 ? DG  B 2 . ? 1_555 ? 
# 
loop_
_pdbx_struct_mod_residue.id 
_pdbx_struct_mod_residue.label_asym_id 
_pdbx_struct_mod_residue.label_comp_id 
_pdbx_struct_mod_residue.label_seq_id 
_pdbx_struct_mod_residue.auth_asym_id 
_pdbx_struct_mod_residue.auth_comp_id 
_pdbx_struct_mod_residue.auth_seq_id 
_pdbx_struct_mod_residue.PDB_ins_code 
_pdbx_struct_mod_residue.parent_comp_id 
_pdbx_struct_mod_residue.details 
1 A 5AT 1 A 5AT 1 ? DT "5'-AMINO-5'-DEOXYTHYMIDINE" 
2 B 5AT 1 B 5AT 1 ? DT "5'-AMINO-5'-DEOXYTHYMIDINE" 
# 
_pdbx_nmr_ensemble.entry_id                                      1KSE 
_pdbx_nmr_ensemble.conformers_calculated_total_number            ? 
_pdbx_nmr_ensemble.conformers_submitted_total_number             1 
_pdbx_nmr_ensemble.conformer_selection_criteria                  'closest to the average' 
_pdbx_nmr_ensemble.average_constraints_per_residue               ? 
_pdbx_nmr_ensemble.average_constraint_violations_per_residue     ? 
_pdbx_nmr_ensemble.maximum_distance_constraint_violation         ? 
_pdbx_nmr_ensemble.average_distance_constraint_violation         ? 
_pdbx_nmr_ensemble.maximum_upper_distance_constraint_violation   ? 
_pdbx_nmr_ensemble.maximum_lower_distance_constraint_violation   ? 
_pdbx_nmr_ensemble.distance_constraint_violation_method          ? 
_pdbx_nmr_ensemble.maximum_torsion_angle_constraint_violation    ? 
_pdbx_nmr_ensemble.average_torsion_angle_constraint_violation    ? 
_pdbx_nmr_ensemble.torsion_angle_constraint_violation_method     ? 
# 
loop_
_pdbx_nmr_sample_details.solution_id 
_pdbx_nmr_sample_details.contents 
_pdbx_nmr_sample_details.solvent_system 
1 'analyte buffer, salt, D2O'             D2O               
2 'analyte buffer, salt, H2O/D2O (85:15)' 'H2O/D2O (85:15)' 
# 
_pdbx_nmr_exptl_sample_conditions.conditions_id       1 
_pdbx_nmr_exptl_sample_conditions.temperature         283 
_pdbx_nmr_exptl_sample_conditions.pressure            ambient 
_pdbx_nmr_exptl_sample_conditions.pH                  7 
_pdbx_nmr_exptl_sample_conditions.ionic_strength      
'165 mM Phosphate buffer(KH2PO4/K2HPO4), NaCl at pH 7 (uncorrected for deuterium effect)' 
_pdbx_nmr_exptl_sample_conditions.pressure_units      ? 
_pdbx_nmr_exptl_sample_conditions.temperature_units   K 
# 
loop_
_pdbx_nmr_exptl.experiment_id 
_pdbx_nmr_exptl.solution_id 
_pdbx_nmr_exptl.conditions_id 
_pdbx_nmr_exptl.type 
1 1 1 '2D NOESY, DQF-COSY, TOCSY' 
2 2 1 '2D NOESY'                  
# 
_pdbx_nmr_refine.entry_id           1KSE 
_pdbx_nmr_refine.method             'Torsion-Angle Molecular Dynamics' 
_pdbx_nmr_refine.details            ? 
_pdbx_nmr_refine.software_ordinal   1 
# 
loop_
_pdbx_nmr_software.name 
_pdbx_nmr_software.version 
_pdbx_nmr_software.classification 
_pdbx_nmr_software.authors 
_pdbx_nmr_software.ordinal 
CNS 1.0 'structure solution' Brunger 1 
CNS 1.0 refinement           Brunger 2 
# 
loop_
_chem_comp_atom.comp_id 
_chem_comp_atom.atom_id 
_chem_comp_atom.type_symbol 
_chem_comp_atom.pdbx_aromatic_flag 
_chem_comp_atom.pdbx_stereo_config 
_chem_comp_atom.pdbx_ordinal 
5AT "N5'"  N N N 1   
5AT N1     N N N 2   
5AT C6     C N N 3   
5AT C2     C N N 4   
5AT O2     O N N 5   
5AT N3     N N N 6   
5AT C4     C N N 7   
5AT O4     O N N 8   
5AT C5     C N N 9   
5AT C7     C N N 10  
5AT "C2'"  C N N 11  
5AT "C5'"  C N N 12  
5AT "C4'"  C N R 13  
5AT "O4'"  O N N 14  
5AT "C1'"  C N R 15  
5AT "C3'"  C N S 16  
5AT "O3'"  O N N 17  
5AT HN51   H N N 18  
5AT HN52   H N N 19  
5AT H6     H N N 20  
5AT H3     H N N 21  
5AT H71    H N N 22  
5AT H72    H N N 23  
5AT H73    H N N 24  
5AT "H2'"  H N N 25  
5AT "H2''" H N N 26  
5AT "H5'"  H N N 27  
5AT "H5''" H N N 28  
5AT "H4'"  H N N 29  
5AT "H1'"  H N N 30  
5AT "H3'"  H N N 31  
5AT "HO3'" H N N 32  
DA  OP3    O N N 33  
DA  P      P N N 34  
DA  OP1    O N N 35  
DA  OP2    O N N 36  
DA  "O5'"  O N N 37  
DA  "C5'"  C N N 38  
DA  "C4'"  C N R 39  
DA  "O4'"  O N N 40  
DA  "C3'"  C N S 41  
DA  "O3'"  O N N 42  
DA  "C2'"  C N N 43  
DA  "C1'"  C N R 44  
DA  N9     N Y N 45  
DA  C8     C Y N 46  
DA  N7     N Y N 47  
DA  C5     C Y N 48  
DA  C6     C Y N 49  
DA  N6     N N N 50  
DA  N1     N Y N 51  
DA  C2     C Y N 52  
DA  N3     N Y N 53  
DA  C4     C Y N 54  
DA  HOP3   H N N 55  
DA  HOP2   H N N 56  
DA  "H5'"  H N N 57  
DA  "H5''" H N N 58  
DA  "H4'"  H N N 59  
DA  "H3'"  H N N 60  
DA  "HO3'" H N N 61  
DA  "H2'"  H N N 62  
DA  "H2''" H N N 63  
DA  "H1'"  H N N 64  
DA  H8     H N N 65  
DA  H61    H N N 66  
DA  H62    H N N 67  
DA  H2     H N N 68  
DC  OP3    O N N 69  
DC  P      P N N 70  
DC  OP1    O N N 71  
DC  OP2    O N N 72  
DC  "O5'"  O N N 73  
DC  "C5'"  C N N 74  
DC  "C4'"  C N R 75  
DC  "O4'"  O N N 76  
DC  "C3'"  C N S 77  
DC  "O3'"  O N N 78  
DC  "C2'"  C N N 79  
DC  "C1'"  C N R 80  
DC  N1     N N N 81  
DC  C2     C N N 82  
DC  O2     O N N 83  
DC  N3     N N N 84  
DC  C4     C N N 85  
DC  N4     N N N 86  
DC  C5     C N N 87  
DC  C6     C N N 88  
DC  HOP3   H N N 89  
DC  HOP2   H N N 90  
DC  "H5'"  H N N 91  
DC  "H5''" H N N 92  
DC  "H4'"  H N N 93  
DC  "H3'"  H N N 94  
DC  "HO3'" H N N 95  
DC  "H2'"  H N N 96  
DC  "H2''" H N N 97  
DC  "H1'"  H N N 98  
DC  H41    H N N 99  
DC  H42    H N N 100 
DC  H5     H N N 101 
DC  H6     H N N 102 
DG  OP3    O N N 103 
DG  P      P N N 104 
DG  OP1    O N N 105 
DG  OP2    O N N 106 
DG  "O5'"  O N N 107 
DG  "C5'"  C N N 108 
DG  "C4'"  C N R 109 
DG  "O4'"  O N N 110 
DG  "C3'"  C N S 111 
DG  "O3'"  O N N 112 
DG  "C2'"  C N N 113 
DG  "C1'"  C N R 114 
DG  N9     N Y N 115 
DG  C8     C Y N 116 
DG  N7     N Y N 117 
DG  C5     C Y N 118 
DG  C6     C N N 119 
DG  O6     O N N 120 
DG  N1     N N N 121 
DG  C2     C N N 122 
DG  N2     N N N 123 
DG  N3     N N N 124 
DG  C4     C Y N 125 
DG  HOP3   H N N 126 
DG  HOP2   H N N 127 
DG  "H5'"  H N N 128 
DG  "H5''" H N N 129 
DG  "H4'"  H N N 130 
DG  "H3'"  H N N 131 
DG  "HO3'" H N N 132 
DG  "H2'"  H N N 133 
DG  "H2''" H N N 134 
DG  "H1'"  H N N 135 
DG  H8     H N N 136 
DG  H1     H N N 137 
DG  H21    H N N 138 
DG  H22    H N N 139 
OXI C1     C N N 140 
OXI O1     O N N 141 
OXI C3     C Y N 142 
OXI C2     C Y N 143 
OXI N1     N Y N 144 
OXI C4     C Y N 145 
OXI O4     O N N 146 
OXI C10    C Y N 147 
OXI C9     C Y N 148 
OXI C8     C Y N 149 
OXI C5     C Y N 150 
OXI C7     C Y N 151 
OXI C6     C Y N 152 
OXI O6     O N N 153 
OXI O7     O N N 154 
OXI C11    C N N 155 
OXI C12    C N N 156 
OXI C13    C N N 157 
OXI O2     O N N 158 
OXI H2     H N N 159 
OXI H8     H N N 160 
OXI H5     H N N 161 
OXI H111   H N N 162 
OXI H112   H N N 163 
OXI H121   H N N 164 
OXI H122   H N N 165 
OXI H131   H N N 166 
OXI H132   H N N 167 
OXI H133   H N N 168 
OXI HO2    H N N 169 
# 
loop_
_chem_comp_bond.comp_id 
_chem_comp_bond.atom_id_1 
_chem_comp_bond.atom_id_2 
_chem_comp_bond.value_order 
_chem_comp_bond.pdbx_aromatic_flag 
_chem_comp_bond.pdbx_stereo_config 
_chem_comp_bond.pdbx_ordinal 
5AT "N5'" "C5'"  sing N N 1   
5AT "N5'" HN51   sing N N 2   
5AT "N5'" HN52   sing N N 3   
5AT N1    C6     sing N N 4   
5AT N1    C2     sing N N 5   
5AT N1    "C1'"  sing N N 6   
5AT C6    C5     doub N N 7   
5AT C6    H6     sing N N 8   
5AT C2    O2     doub N N 9   
5AT C2    N3     sing N N 10  
5AT N3    C4     sing N N 11  
5AT N3    H3     sing N N 12  
5AT C4    O4     doub N N 13  
5AT C4    C5     sing N N 14  
5AT C5    C7     sing N N 15  
5AT C7    H71    sing N N 16  
5AT C7    H72    sing N N 17  
5AT C7    H73    sing N N 18  
5AT "C2'" "C1'"  sing N N 19  
5AT "C2'" "C3'"  sing N N 20  
5AT "C2'" "H2'"  sing N N 21  
5AT "C2'" "H2''" sing N N 22  
5AT "C5'" "C4'"  sing N N 23  
5AT "C5'" "H5'"  sing N N 24  
5AT "C5'" "H5''" sing N N 25  
5AT "C4'" "O4'"  sing N N 26  
5AT "C4'" "C3'"  sing N N 27  
5AT "C4'" "H4'"  sing N N 28  
5AT "O4'" "C1'"  sing N N 29  
5AT "C1'" "H1'"  sing N N 30  
5AT "C3'" "O3'"  sing N N 31  
5AT "C3'" "H3'"  sing N N 32  
5AT "O3'" "HO3'" sing N N 33  
DA  OP3   P      sing N N 34  
DA  OP3   HOP3   sing N N 35  
DA  P     OP1    doub N N 36  
DA  P     OP2    sing N N 37  
DA  P     "O5'"  sing N N 38  
DA  OP2   HOP2   sing N N 39  
DA  "O5'" "C5'"  sing N N 40  
DA  "C5'" "C4'"  sing N N 41  
DA  "C5'" "H5'"  sing N N 42  
DA  "C5'" "H5''" sing N N 43  
DA  "C4'" "O4'"  sing N N 44  
DA  "C4'" "C3'"  sing N N 45  
DA  "C4'" "H4'"  sing N N 46  
DA  "O4'" "C1'"  sing N N 47  
DA  "C3'" "O3'"  sing N N 48  
DA  "C3'" "C2'"  sing N N 49  
DA  "C3'" "H3'"  sing N N 50  
DA  "O3'" "HO3'" sing N N 51  
DA  "C2'" "C1'"  sing N N 52  
DA  "C2'" "H2'"  sing N N 53  
DA  "C2'" "H2''" sing N N 54  
DA  "C1'" N9     sing N N 55  
DA  "C1'" "H1'"  sing N N 56  
DA  N9    C8     sing Y N 57  
DA  N9    C4     sing Y N 58  
DA  C8    N7     doub Y N 59  
DA  C8    H8     sing N N 60  
DA  N7    C5     sing Y N 61  
DA  C5    C6     sing Y N 62  
DA  C5    C4     doub Y N 63  
DA  C6    N6     sing N N 64  
DA  C6    N1     doub Y N 65  
DA  N6    H61    sing N N 66  
DA  N6    H62    sing N N 67  
DA  N1    C2     sing Y N 68  
DA  C2    N3     doub Y N 69  
DA  C2    H2     sing N N 70  
DA  N3    C4     sing Y N 71  
DC  OP3   P      sing N N 72  
DC  OP3   HOP3   sing N N 73  
DC  P     OP1    doub N N 74  
DC  P     OP2    sing N N 75  
DC  P     "O5'"  sing N N 76  
DC  OP2   HOP2   sing N N 77  
DC  "O5'" "C5'"  sing N N 78  
DC  "C5'" "C4'"  sing N N 79  
DC  "C5'" "H5'"  sing N N 80  
DC  "C5'" "H5''" sing N N 81  
DC  "C4'" "O4'"  sing N N 82  
DC  "C4'" "C3'"  sing N N 83  
DC  "C4'" "H4'"  sing N N 84  
DC  "O4'" "C1'"  sing N N 85  
DC  "C3'" "O3'"  sing N N 86  
DC  "C3'" "C2'"  sing N N 87  
DC  "C3'" "H3'"  sing N N 88  
DC  "O3'" "HO3'" sing N N 89  
DC  "C2'" "C1'"  sing N N 90  
DC  "C2'" "H2'"  sing N N 91  
DC  "C2'" "H2''" sing N N 92  
DC  "C1'" N1     sing N N 93  
DC  "C1'" "H1'"  sing N N 94  
DC  N1    C2     sing N N 95  
DC  N1    C6     sing N N 96  
DC  C2    O2     doub N N 97  
DC  C2    N3     sing N N 98  
DC  N3    C4     doub N N 99  
DC  C4    N4     sing N N 100 
DC  C4    C5     sing N N 101 
DC  N4    H41    sing N N 102 
DC  N4    H42    sing N N 103 
DC  C5    C6     doub N N 104 
DC  C5    H5     sing N N 105 
DC  C6    H6     sing N N 106 
DG  OP3   P      sing N N 107 
DG  OP3   HOP3   sing N N 108 
DG  P     OP1    doub N N 109 
DG  P     OP2    sing N N 110 
DG  P     "O5'"  sing N N 111 
DG  OP2   HOP2   sing N N 112 
DG  "O5'" "C5'"  sing N N 113 
DG  "C5'" "C4'"  sing N N 114 
DG  "C5'" "H5'"  sing N N 115 
DG  "C5'" "H5''" sing N N 116 
DG  "C4'" "O4'"  sing N N 117 
DG  "C4'" "C3'"  sing N N 118 
DG  "C4'" "H4'"  sing N N 119 
DG  "O4'" "C1'"  sing N N 120 
DG  "C3'" "O3'"  sing N N 121 
DG  "C3'" "C2'"  sing N N 122 
DG  "C3'" "H3'"  sing N N 123 
DG  "O3'" "HO3'" sing N N 124 
DG  "C2'" "C1'"  sing N N 125 
DG  "C2'" "H2'"  sing N N 126 
DG  "C2'" "H2''" sing N N 127 
DG  "C1'" N9     sing N N 128 
DG  "C1'" "H1'"  sing N N 129 
DG  N9    C8     sing Y N 130 
DG  N9    C4     sing Y N 131 
DG  C8    N7     doub Y N 132 
DG  C8    H8     sing N N 133 
DG  N7    C5     sing Y N 134 
DG  C5    C6     sing N N 135 
DG  C5    C4     doub Y N 136 
DG  C6    O6     doub N N 137 
DG  C6    N1     sing N N 138 
DG  N1    C2     sing N N 139 
DG  N1    H1     sing N N 140 
DG  C2    N2     sing N N 141 
DG  C2    N3     doub N N 142 
DG  N2    H21    sing N N 143 
DG  N2    H22    sing N N 144 
DG  N3    C4     sing N N 145 
OXI C1    O1     doub N N 146 
OXI C1    C3     sing N N 147 
OXI C1    O2     sing N N 148 
OXI C3    C2     doub Y N 149 
OXI C3    C4     sing Y N 150 
OXI C2    N1     sing Y N 151 
OXI C2    H2     sing N N 152 
OXI N1    C9     sing Y N 153 
OXI N1    C12    sing N N 154 
OXI C4    O4     doub N N 155 
OXI C4    C10    sing Y N 156 
OXI C10   C9     doub Y N 157 
OXI C10   C5     sing Y N 158 
OXI C9    C8     sing Y N 159 
OXI C8    C7     doub Y N 160 
OXI C8    H8     sing N N 161 
OXI C5    C6     doub Y N 162 
OXI C5    H5     sing N N 163 
OXI C7    C6     sing Y N 164 
OXI C7    O7     sing N N 165 
OXI C6    O6     sing N N 166 
OXI O6    C11    sing N N 167 
OXI O7    C11    sing N N 168 
OXI C11   H111   sing N N 169 
OXI C11   H112   sing N N 170 
OXI C12   C13    sing N N 171 
OXI C12   H121   sing N N 172 
OXI C12   H122   sing N N 173 
OXI C13   H131   sing N N 174 
OXI C13   H132   sing N N 175 
OXI C13   H133   sing N N 176 
OXI O2    HO2    sing N N 177 
# 
_ndb_struct_conf_na.entry_id   1KSE 
_ndb_struct_conf_na.feature    'b-form double helix' 
# 
loop_
_ndb_struct_na_base_pair.model_number 
_ndb_struct_na_base_pair.i_label_asym_id 
_ndb_struct_na_base_pair.i_label_comp_id 
_ndb_struct_na_base_pair.i_label_seq_id 
_ndb_struct_na_base_pair.i_symmetry 
_ndb_struct_na_base_pair.j_label_asym_id 
_ndb_struct_na_base_pair.j_label_comp_id 
_ndb_struct_na_base_pair.j_label_seq_id 
_ndb_struct_na_base_pair.j_symmetry 
_ndb_struct_na_base_pair.shear 
_ndb_struct_na_base_pair.stretch 
_ndb_struct_na_base_pair.stagger 
_ndb_struct_na_base_pair.buckle 
_ndb_struct_na_base_pair.propeller 
_ndb_struct_na_base_pair.opening 
_ndb_struct_na_base_pair.pair_number 
_ndb_struct_na_base_pair.pair_name 
_ndb_struct_na_base_pair.i_auth_asym_id 
_ndb_struct_na_base_pair.i_auth_seq_id 
_ndb_struct_na_base_pair.i_PDB_ins_code 
_ndb_struct_na_base_pair.j_auth_asym_id 
_ndb_struct_na_base_pair.j_auth_seq_id 
_ndb_struct_na_base_pair.j_PDB_ins_code 
_ndb_struct_na_base_pair.hbond_type_28 
_ndb_struct_na_base_pair.hbond_type_12 
1 A DG 2 1_555 B DC 5 1_555 -1.510 -0.658 0.378  -7.550 -7.786  -2.740 1 A_DG2:DC5_B A 2 ? B 5 ? 19 1 
1 A DC 3 1_555 B DG 4 1_555 -0.157 -0.184 0.390  -5.593 -5.073  -1.682 2 A_DC3:DG4_B A 3 ? B 4 ? 19 1 
1 A DG 4 1_555 B DC 3 1_555 0.001  -0.194 0.439  7.058  -2.748  -1.487 3 A_DG4:DC3_B A 4 ? B 3 ? 19 1 
1 A DC 5 1_555 B DG 2 1_555 0.957  -0.427 -0.004 12.265 -12.002 -1.904 4 A_DC5:DG2_B A 5 ? B 2 ? 19 1 
# 
loop_
_ndb_struct_na_base_pair_step.model_number 
_ndb_struct_na_base_pair_step.i_label_asym_id_1 
_ndb_struct_na_base_pair_step.i_label_comp_id_1 
_ndb_struct_na_base_pair_step.i_label_seq_id_1 
_ndb_struct_na_base_pair_step.i_symmetry_1 
_ndb_struct_na_base_pair_step.j_label_asym_id_1 
_ndb_struct_na_base_pair_step.j_label_comp_id_1 
_ndb_struct_na_base_pair_step.j_label_seq_id_1 
_ndb_struct_na_base_pair_step.j_symmetry_1 
_ndb_struct_na_base_pair_step.i_label_asym_id_2 
_ndb_struct_na_base_pair_step.i_label_comp_id_2 
_ndb_struct_na_base_pair_step.i_label_seq_id_2 
_ndb_struct_na_base_pair_step.i_symmetry_2 
_ndb_struct_na_base_pair_step.j_label_asym_id_2 
_ndb_struct_na_base_pair_step.j_label_comp_id_2 
_ndb_struct_na_base_pair_step.j_label_seq_id_2 
_ndb_struct_na_base_pair_step.j_symmetry_2 
_ndb_struct_na_base_pair_step.shift 
_ndb_struct_na_base_pair_step.slide 
_ndb_struct_na_base_pair_step.rise 
_ndb_struct_na_base_pair_step.tilt 
_ndb_struct_na_base_pair_step.roll 
_ndb_struct_na_base_pair_step.twist 
_ndb_struct_na_base_pair_step.x_displacement 
_ndb_struct_na_base_pair_step.y_displacement 
_ndb_struct_na_base_pair_step.helical_rise 
_ndb_struct_na_base_pair_step.inclination 
_ndb_struct_na_base_pair_step.tip 
_ndb_struct_na_base_pair_step.helical_twist 
_ndb_struct_na_base_pair_step.step_number 
_ndb_struct_na_base_pair_step.step_name 
_ndb_struct_na_base_pair_step.i_auth_asym_id_1 
_ndb_struct_na_base_pair_step.i_auth_seq_id_1 
_ndb_struct_na_base_pair_step.i_PDB_ins_code_1 
_ndb_struct_na_base_pair_step.j_auth_asym_id_1 
_ndb_struct_na_base_pair_step.j_auth_seq_id_1 
_ndb_struct_na_base_pair_step.j_PDB_ins_code_1 
_ndb_struct_na_base_pair_step.i_auth_asym_id_2 
_ndb_struct_na_base_pair_step.i_auth_seq_id_2 
_ndb_struct_na_base_pair_step.i_PDB_ins_code_2 
_ndb_struct_na_base_pair_step.j_auth_asym_id_2 
_ndb_struct_na_base_pair_step.j_auth_seq_id_2 
_ndb_struct_na_base_pair_step.j_PDB_ins_code_2 
1 A DG 2 1_555 B DC 5 1_555 A DC 3 1_555 B DG 4 1_555 0.100  0.112 3.238 -5.886 10.060 45.955 -0.673 -0.599 3.159 12.647 7.399   
47.332 1 AA_DG2DC3:DG4DC5_BB A 2 ? B 5 ? A 3 ? B 4 ? 
1 A DC 3 1_555 B DG 4 1_555 A DG 4 1_555 B DC 3 1_555 0.143  0.786 2.831 -0.282 6.009  32.743 0.484  -0.292 2.924 10.548 0.495   
33.276 2 AA_DC3DG4:DC3DG4_BB A 3 ? B 4 ? A 4 ? B 3 ? 
1 A DG 4 1_555 B DC 3 1_555 A DC 5 1_555 B DG 2 1_555 -0.306 0.432 3.233 9.785  13.276 40.853 -0.684 1.340  3.077 18.153 -13.379 
43.925 3 AA_DG4DC5:DG2DC3_BB A 4 ? B 3 ? A 5 ? B 2 ? 
# 
_pdbx_nmr_spectrometer.spectrometer_id   1 
_pdbx_nmr_spectrometer.type              ? 
_pdbx_nmr_spectrometer.manufacturer      Bruker 
_pdbx_nmr_spectrometer.model             DPX 
_pdbx_nmr_spectrometer.field_strength    600 
# 
_atom_sites.entry_id                    1KSE 
_atom_sites.fract_transf_matrix[1][1]   1.000000 
_atom_sites.fract_transf_matrix[1][2]   0.000000 
_atom_sites.fract_transf_matrix[1][3]   0.000000 
_atom_sites.fract_transf_matrix[2][1]   0.000000 
_atom_sites.fract_transf_matrix[2][2]   1.000000 
_atom_sites.fract_transf_matrix[2][3]   0.000000 
_atom_sites.fract_transf_matrix[3][1]   0.000000 
_atom_sites.fract_transf_matrix[3][2]   0.000000 
_atom_sites.fract_transf_matrix[3][3]   1.000000 
_atom_sites.fract_transf_vector[1]      0.00000 
_atom_sites.fract_transf_vector[2]      0.00000 
_atom_sites.fract_transf_vector[3]      0.00000 
# 
loop_
_atom_type.symbol 
C 
H 
N 
O 
P 
# 
loop_
_atom_site.group_PDB 
_atom_site.id 
_atom_site.type_symbol 
_atom_site.label_atom_id 
_atom_site.label_alt_id 
_atom_site.label_comp_id 
_atom_site.label_asym_id 
_atom_site.label_entity_id 
_atom_site.label_seq_id 
_atom_site.pdbx_PDB_ins_code 
_atom_site.Cartn_x 
_atom_site.Cartn_y 
_atom_site.Cartn_z 
_atom_site.occupancy 
_atom_site.B_iso_or_equiv 
_atom_site.pdbx_formal_charge 
_atom_site.auth_seq_id 
_atom_site.auth_comp_id 
_atom_site.auth_asym_id 
_atom_site.auth_atom_id 
_atom_site.pdbx_PDB_model_num 
HETATM 1   N "N5'"  . 5AT A 1 1 ? 5.576   -2.973  -5.973  1.00 0.00 ? 1 5AT A "N5'"  1 
HETATM 2   N N1     . 5AT A 1 1 ? 9.917   -2.519  -5.930  1.00 0.00 ? 1 5AT A N1     1 
HETATM 3   C C6     . 5AT A 1 1 ? 9.204   -1.389  -6.266  1.00 0.00 ? 1 5AT A C6     1 
HETATM 4   C C2     . 5AT A 1 1 ? 11.281  -2.586  -6.106  1.00 0.00 ? 1 5AT A C2     1 
HETATM 5   O O2     . 5AT A 1 1 ? 11.942  -3.569  -5.817  1.00 0.00 ? 1 5AT A O2     1 
HETATM 6   N N3     . 5AT A 1 1 ? 11.846  -1.456  -6.632  1.00 0.00 ? 1 5AT A N3     1 
HETATM 7   C C4     . 5AT A 1 1 ? 11.203  -0.293  -6.993  1.00 0.00 ? 1 5AT A C4     1 
HETATM 8   O O4     . 5AT A 1 1 ? 11.848  0.642   -7.453  1.00 0.00 ? 1 5AT A O4     1 
HETATM 9   C C5     . 5AT A 1 1 ? 9.772   -0.289  -6.783  1.00 0.00 ? 1 5AT A C5     1 
HETATM 10  C C7     . 5AT A 1 1 ? 8.990   0.930   -7.157  1.00 0.00 ? 1 5AT A C7     1 
HETATM 11  C "C2'"  . 5AT A 1 1 ? 8.828   -3.603  -3.920  1.00 0.00 ? 1 5AT A "C2'"  1 
HETATM 12  C "C5'"  . 5AT A 1 1 ? 5.743   -4.282  -5.268  1.00 0.00 ? 1 5AT A "C5'"  1 
HETATM 13  C "C4'"  . 5AT A 1 1 ? 7.182   -4.750  -5.242  1.00 0.00 ? 1 5AT A "C4'"  1 
HETATM 14  O "O4'"  . 5AT A 1 1 ? 8.026   -3.904  -6.067  1.00 0.00 ? 1 5AT A "O4'"  1 
HETATM 15  C "C1'"  . 5AT A 1 1 ? 9.241   -3.705  -5.369  1.00 0.00 ? 1 5AT A "C1'"  1 
HETATM 16  C "C3'"  . 5AT A 1 1 ? 7.839   -4.753  -3.858  1.00 0.00 ? 1 5AT A "C3'"  1 
HETATM 17  O "O3'"  . 5AT A 1 1 ? 8.538   -5.985  -3.662  1.00 0.00 ? 1 5AT A "O3'"  1 
HETATM 18  H HN51   . 5AT A 1 1 ? 5.038   -2.966  -6.774  1.00 0.00 ? 1 5AT A HN51   1 
HETATM 19  H H6     . 5AT A 1 1 ? 8.128   -1.388  -6.102  1.00 0.00 ? 1 5AT A H6     1 
HETATM 20  H H3     . 5AT A 1 1 ? 12.846  -1.480  -6.769  1.00 0.00 ? 1 5AT A H3     1 
HETATM 21  H H71    . 5AT A 1 1 ? 9.583   1.553   -7.828  1.00 0.00 ? 1 5AT A H71    1 
HETATM 22  H H72    . 5AT A 1 1 ? 8.747   1.496   -6.259  1.00 0.00 ? 1 5AT A H72    1 
HETATM 23  H H73    . 5AT A 1 1 ? 8.070   0.632   -7.660  1.00 0.00 ? 1 5AT A H73    1 
HETATM 24  H "H2'"  . 5AT A 1 1 ? 8.340   -2.654  -3.695  1.00 0.00 ? 1 5AT A "H2'"  1 
HETATM 25  H "H2''" . 5AT A 1 1 ? 9.624   -3.731  -3.189  1.00 0.00 ? 1 5AT A "H2''" 1 
HETATM 26  H "H5'"  . 5AT A 1 1 ? 5.137   -5.032  -5.777  1.00 0.00 ? 1 5AT A "H5'"  1 
HETATM 27  H "H5''" . 5AT A 1 1 ? 5.387   -4.179  -4.246  1.00 0.00 ? 1 5AT A "H5''" 1 
HETATM 28  H "H4'"  . 5AT A 1 1 ? 7.178   -5.792  -5.566  1.00 0.00 ? 1 5AT A "H4'"  1 
HETATM 29  H "H1'"  . 5AT A 1 1 ? 9.872   -4.582  -5.535  1.00 0.00 ? 1 5AT A "H1'"  1 
HETATM 30  H "H3'"  . 5AT A 1 1 ? 7.106   -4.621  -3.069  1.00 0.00 ? 1 5AT A "H3'"  1 
ATOM   31  P P      . DG  A 1 2 ? 7.754   -7.269  -3.099  1.00 0.00 ? 2 DG  A P      1 
ATOM   32  O OP1    . DG  A 1 2 ? 8.402   -8.468  -3.690  1.00 0.00 ? 2 DG  A OP1    1 
ATOM   33  O OP2    . DG  A 1 2 ? 6.295   -7.063  -3.279  1.00 0.00 ? 2 DG  A OP2    1 
ATOM   34  O "O5'"  . DG  A 1 2 ? 8.086   -7.250  -1.542  1.00 0.00 ? 2 DG  A "O5'"  1 
ATOM   35  C "C5'"  . DG  A 1 2 ? 9.287   -6.644  -1.063  1.00 0.00 ? 2 DG  A "C5'"  1 
ATOM   36  C "C4'"  . DG  A 1 2 ? 8.964   -5.411  -0.252  1.00 0.00 ? 2 DG  A "C4'"  1 
ATOM   37  O "O4'"  . DG  A 1 2 ? 8.167   -4.495  -1.051  1.00 0.00 ? 2 DG  A "O4'"  1 
ATOM   38  C "C3'"  . DG  A 1 2 ? 8.148   -5.677  1.014   1.00 0.00 ? 2 DG  A "C3'"  1 
ATOM   39  O "O3'"  . DG  A 1 2 ? 8.669   -4.861  2.076   1.00 0.00 ? 2 DG  A "O3'"  1 
ATOM   40  C "C2'"  . DG  A 1 2 ? 6.739   -5.294  0.594   1.00 0.00 ? 2 DG  A "C2'"  1 
ATOM   41  C "C1'"  . DG  A 1 2 ? 7.010   -4.127  -0.320  1.00 0.00 ? 2 DG  A "C1'"  1 
ATOM   42  N N9     . DG  A 1 2 ? 5.936   -3.842  -1.268  1.00 0.00 ? 2 DG  A N9     1 
ATOM   43  C C8     . DG  A 1 2 ? 5.145   -4.760  -1.912  1.00 0.00 ? 2 DG  A C8     1 
ATOM   44  N N7     . DG  A 1 2 ? 4.271   -4.218  -2.713  1.00 0.00 ? 2 DG  A N7     1 
ATOM   45  C C5     . DG  A 1 2 ? 4.496   -2.853  -2.591  1.00 0.00 ? 2 DG  A C5     1 
ATOM   46  C C6     . DG  A 1 2 ? 3.856   -1.758  -3.222  1.00 0.00 ? 2 DG  A C6     1 
ATOM   47  O O6     . DG  A 1 2 ? 2.937   -1.775  -4.050  1.00 0.00 ? 2 DG  A O6     1 
ATOM   48  N N1     . DG  A 1 2 ? 4.394   -0.545  -2.808  1.00 0.00 ? 2 DG  A N1     1 
ATOM   49  C C2     . DG  A 1 2 ? 5.413   -0.402  -1.903  1.00 0.00 ? 2 DG  A C2     1 
ATOM   50  N N2     . DG  A 1 2 ? 5.781   0.853   -1.627  1.00 0.00 ? 2 DG  A N2     1 
ATOM   51  N N3     . DG  A 1 2 ? 6.024   -1.414  -1.310  1.00 0.00 ? 2 DG  A N3     1 
ATOM   52  C C4     . DG  A 1 2 ? 5.518   -2.603  -1.698  1.00 0.00 ? 2 DG  A C4     1 
ATOM   53  H "H5'"  . DG  A 1 2 ? 9.917   -6.361  -1.906  1.00 0.00 ? 2 DG  A "H5'"  1 
ATOM   54  H "H5''" . DG  A 1 2 ? 9.829   -7.351  -0.434  1.00 0.00 ? 2 DG  A "H5''" 1 
ATOM   55  H "H4'"  . DG  A 1 2 ? 9.912   -4.979  0.075   1.00 0.00 ? 2 DG  A "H4'"  1 
ATOM   56  H "H3'"  . DG  A 1 2 ? 8.212   -6.726  1.305   1.00 0.00 ? 2 DG  A "H3'"  1 
ATOM   57  H "H2'"  . DG  A 1 2 ? 6.247   -6.117  0.073   1.00 0.00 ? 2 DG  A "H2'"  1 
ATOM   58  H "H2''" . DG  A 1 2 ? 6.119   -5.030  1.449   1.00 0.00 ? 2 DG  A "H2''" 1 
ATOM   59  H "H1'"  . DG  A 1 2 ? 7.234   -3.222  0.243   1.00 0.00 ? 2 DG  A "H1'"  1 
ATOM   60  H H8     . DG  A 1 2 ? 5.237   -5.826  -1.770  1.00 0.00 ? 2 DG  A H8     1 
ATOM   61  H H1     . DG  A 1 2 ? 4.005   0.297   -3.206  1.00 0.00 ? 2 DG  A H1     1 
ATOM   62  H H21    . DG  A 1 2 ? 5.313   1.632   -2.069  1.00 0.00 ? 2 DG  A H21    1 
ATOM   63  H H22    . DG  A 1 2 ? 6.526   1.013   -0.964  1.00 0.00 ? 2 DG  A H22    1 
ATOM   64  P P      . DC  A 1 3 ? 7.731   -4.430  3.309   1.00 0.00 ? 3 DC  A P      1 
ATOM   65  O OP1    . DC  A 1 3 ? 8.616   -4.127  4.461   1.00 0.00 ? 3 DC  A OP1    1 
ATOM   66  O OP2    . DC  A 1 3 ? 6.653   -5.441  3.463   1.00 0.00 ? 3 DC  A OP2    1 
ATOM   67  O "O5'"  . DC  A 1 3 ? 7.079   -3.060  2.818   1.00 0.00 ? 3 DC  A "O5'"  1 
ATOM   68  C "C5'"  . DC  A 1 3 ? 7.902   -1.955  2.432   1.00 0.00 ? 3 DC  A "C5'"  1 
ATOM   69  C "C4'"  . DC  A 1 3 ? 7.322   -0.662  2.958   1.00 0.00 ? 3 DC  A "C4'"  1 
ATOM   70  O "O4'"  . DC  A 1 3 ? 6.280   -0.216  2.060   1.00 0.00 ? 3 DC  A "O4'"  1 
ATOM   71  C "C3'"  . DC  A 1 3 ? 6.670   -0.750  4.337   1.00 0.00 ? 3 DC  A "C3'"  1 
ATOM   72  O "O3'"  . DC  A 1 3 ? 6.833   0.484   5.050   1.00 0.00 ? 3 DC  A "O3'"  1 
ATOM   73  C "C2'"  . DC  A 1 3 ? 5.207   -1.010  4.023   1.00 0.00 ? 3 DC  A "C2'"  1 
ATOM   74  C "C1'"  . DC  A 1 3 ? 4.997   -0.410  2.637   1.00 0.00 ? 3 DC  A "C1'"  1 
ATOM   75  N N1     . DC  A 1 3 ? 4.216   -1.256  1.718   1.00 0.00 ? 3 DC  A N1     1 
ATOM   76  C C2     . DC  A 1 3 ? 3.286   -0.652  0.865   1.00 0.00 ? 3 DC  A C2     1 
ATOM   77  O O2     . DC  A 1 3 ? 3.142   0.579   0.904   1.00 0.00 ? 3 DC  A O2     1 
ATOM   78  N N3     . DC  A 1 3 ? 2.566   -1.424  0.018   1.00 0.00 ? 3 DC  A N3     1 
ATOM   79  C C4     . DC  A 1 3 ? 2.746   -2.746  0.007   1.00 0.00 ? 3 DC  A C4     1 
ATOM   80  N N4     . DC  A 1 3 ? 2.012   -3.468  -0.841  1.00 0.00 ? 3 DC  A N4     1 
ATOM   81  C C5     . DC  A 1 3 ? 3.685   -3.388  0.864   1.00 0.00 ? 3 DC  A C5     1 
ATOM   82  C C6     . DC  A 1 3 ? 4.394   -2.612  1.693   1.00 0.00 ? 3 DC  A C6     1 
ATOM   83  H "H5'"  . DC  A 1 3 ? 7.964   -1.903  1.342   1.00 0.00 ? 3 DC  A "H5'"  1 
ATOM   84  H "H5''" . DC  A 1 3 ? 8.905   -2.085  2.839   1.00 0.00 ? 3 DC  A "H5''" 1 
ATOM   85  H "H4'"  . DC  A 1 3 ? 8.143   0.053   3.047   1.00 0.00 ? 3 DC  A "H4'"  1 
ATOM   86  H "H3'"  . DC  A 1 3 ? 7.107   -1.560  4.923   1.00 0.00 ? 3 DC  A "H3'"  1 
ATOM   87  H "H2'"  . DC  A 1 3 ? 4.977   -2.074  4.052   1.00 0.00 ? 3 DC  A "H2'"  1 
ATOM   88  H "H2''" . DC  A 1 3 ? 4.554   -0.514  4.742   1.00 0.00 ? 3 DC  A "H2''" 1 
ATOM   89  H "H1'"  . DC  A 1 3 ? 4.510   0.564   2.705   1.00 0.00 ? 3 DC  A "H1'"  1 
ATOM   90  H H41    . DC  A 1 3 ? 1.353   -3.015  -1.456  1.00 0.00 ? 3 DC  A H41    1 
ATOM   91  H H42    . DC  A 1 3 ? 2.123   -4.472  -0.875  1.00 0.00 ? 3 DC  A H42    1 
ATOM   92  H H5     . DC  A 1 3 ? 3.822   -4.469  0.845   1.00 0.00 ? 3 DC  A H5     1 
ATOM   93  H H6     . DC  A 1 3 ? 5.126   -3.071  2.357   1.00 0.00 ? 3 DC  A H6     1 
ATOM   94  P P      . DG  A 1 4 ? 6.158   0.669   6.500   1.00 0.00 ? 4 DG  A P      1 
ATOM   95  O OP1    . DG  A 1 4 ? 6.987   1.619   7.285   1.00 0.00 ? 4 DG  A OP1    1 
ATOM   96  O OP2    . DG  A 1 4 ? 5.878   -0.685  7.046   1.00 0.00 ? 4 DG  A OP2    1 
ATOM   97  O "O5'"  . DG  A 1 4 ? 4.761   1.366   6.180   1.00 0.00 ? 4 DG  A "O5'"  1 
ATOM   98  C "C5'"  . DG  A 1 4 ? 4.707   2.689   5.646   1.00 0.00 ? 4 DG  A "C5'"  1 
ATOM   99  C "C4'"  . DG  A 1 4 ? 3.271   3.130   5.480   1.00 0.00 ? 4 DG  A "C4'"  1 
ATOM   100 O "O4'"  . DG  A 1 4 ? 2.654   2.318   4.451   1.00 0.00 ? 4 DG  A "O4'"  1 
ATOM   101 C "C3'"  . DG  A 1 4 ? 2.391   2.977   6.722   1.00 0.00 ? 4 DG  A "C3'"  1 
ATOM   102 O "O3'"  . DG  A 1 4 ? 1.474   4.076   6.809   1.00 0.00 ? 4 DG  A "O3'"  1 
ATOM   103 C "C2'"  . DG  A 1 4 ? 1.661   1.669   6.472   1.00 0.00 ? 4 DG  A "C2'"  1 
ATOM   104 C "C1'"  . DG  A 1 4 ? 1.499   1.679   4.965   1.00 0.00 ? 4 DG  A "C1'"  1 
ATOM   105 N N9     . DG  A 1 4 ? 1.406   0.357   4.348   1.00 0.00 ? 4 DG  A N9     1 
ATOM   106 C C8     . DG  A 1 4 ? 2.045   -0.791  4.746   1.00 0.00 ? 4 DG  A C8     1 
ATOM   107 N N7     . DG  A 1 4 ? 1.770   -1.820  3.992   1.00 0.00 ? 4 DG  A N7     1 
ATOM   108 C C5     . DG  A 1 4 ? 0.894   -1.321  3.038   1.00 0.00 ? 4 DG  A C5     1 
ATOM   109 C C6     . DG  A 1 4 ? 0.252   -1.968  1.951   1.00 0.00 ? 4 DG  A C6     1 
ATOM   110 O O6     . DG  A 1 4 ? 0.335   -3.150  1.601   1.00 0.00 ? 4 DG  A O6     1 
ATOM   111 N N1     . DG  A 1 4 ? -0.555  -1.090  1.237   1.00 0.00 ? 4 DG  A N1     1 
ATOM   112 C C2     . DG  A 1 4 ? -0.723  0.240   1.528   1.00 0.00 ? 4 DG  A C2     1 
ATOM   113 N N2     . DG  A 1 4 ? -1.541  0.922   0.719   1.00 0.00 ? 4 DG  A N2     1 
ATOM   114 N N3     . DG  A 1 4 ? -0.131  0.857   2.537   1.00 0.00 ? 4 DG  A N3     1 
ATOM   115 C C4     . DG  A 1 4 ? 0.658   0.022   3.245   1.00 0.00 ? 4 DG  A C4     1 
ATOM   116 H "H5'"  . DG  A 1 4 ? 5.201   2.713   4.673   1.00 0.00 ? 4 DG  A "H5'"  1 
ATOM   117 H "H5''" . DG  A 1 4 ? 5.217   3.378   6.321   1.00 0.00 ? 4 DG  A "H5''" 1 
ATOM   118 H "H4'"  . DG  A 1 4 ? 3.282   4.194   5.236   1.00 0.00 ? 4 DG  A "H4'"  1 
ATOM   119 H "H3'"  . DG  A 1 4 ? 2.994   2.940   7.629   1.00 0.00 ? 4 DG  A "H3'"  1 
ATOM   120 H "H2'"  . DG  A 1 4 ? 2.244   0.817   6.820   1.00 0.00 ? 4 DG  A "H2'"  1 
ATOM   121 H "H2''" . DG  A 1 4 ? 0.702   1.642   6.990   1.00 0.00 ? 4 DG  A "H2''" 1 
ATOM   122 H "H1'"  . DG  A 1 4 ? 0.629   2.265   4.666   1.00 0.00 ? 4 DG  A "H1'"  1 
ATOM   123 H H8     . DG  A 1 4 ? 2.707   -0.839  5.597   1.00 0.00 ? 4 DG  A H8     1 
ATOM   124 H H1     . DG  A 1 4 ? -1.059  -1.458  0.442   1.00 0.00 ? 4 DG  A H1     1 
ATOM   125 H H21    . DG  A 1 4 ? -1.993  0.463   -0.061  1.00 0.00 ? 4 DG  A H21    1 
ATOM   126 H H22    . DG  A 1 4 ? -1.702  1.904   0.885   1.00 0.00 ? 4 DG  A H22    1 
ATOM   127 P P      . DC  A 1 5 ? 0.316   4.069   7.927   1.00 0.00 ? 5 DC  A P      1 
ATOM   128 O OP1    . DC  A 1 5 ? -0.278  5.430   7.953   1.00 0.00 ? 5 DC  A OP1    1 
ATOM   129 O OP2    . DC  A 1 5 ? 0.868   3.486   9.176   1.00 0.00 ? 5 DC  A OP2    1 
ATOM   130 O "O5'"  . DC  A 1 5 ? -0.775  3.068   7.341   1.00 0.00 ? 5 DC  A "O5'"  1 
ATOM   131 C "C5'"  . DC  A 1 5 ? -1.254  3.204   6.002   1.00 0.00 ? 5 DC  A "C5'"  1 
ATOM   132 C "C4'"  . DC  A 1 5 ? -2.658  3.763   6.002   1.00 0.00 ? 5 DC  A "C4'"  1 
ATOM   133 O "O4'"  . DC  A 1 5 ? -3.474  2.958   5.129   1.00 0.00 ? 5 DC  A "O4'"  1 
ATOM   134 C "C3'"  . DC  A 1 5 ? -3.370  3.750   7.356   1.00 0.00 ? 5 DC  A "C3'"  1 
ATOM   135 O "O3'"  . DC  A 1 5 ? -4.166  4.928   7.506   1.00 0.00 ? 5 DC  A "O3'"  1 
ATOM   136 C "C2'"  . DC  A 1 5 ? -4.264  2.517   7.306   1.00 0.00 ? 5 DC  A "C2'"  1 
ATOM   137 C "C1'"  . DC  A 1 5 ? -4.117  1.961   5.895   1.00 0.00 ? 5 DC  A "C1'"  1 
ATOM   138 N N1     . DC  A 1 5 ? -3.310  0.731   5.802   1.00 0.00 ? 5 DC  A N1     1 
ATOM   139 C C2     . DC  A 1 5 ? -3.430  -0.072  4.664   1.00 0.00 ? 5 DC  A C2     1 
ATOM   140 O O2     . DC  A 1 5 ? -4.218  0.266   3.767   1.00 0.00 ? 5 DC  A O2     1 
ATOM   141 N N3     . DC  A 1 5 ? -2.686  -1.196  4.569   1.00 0.00 ? 5 DC  A N3     1 
ATOM   142 C C4     . DC  A 1 5 ? -1.849  -1.527  5.554   1.00 0.00 ? 5 DC  A C4     1 
ATOM   143 N N4     . DC  A 1 5 ? -1.129  -2.641  5.410   1.00 0.00 ? 5 DC  A N4     1 
ATOM   144 C C5     . DC  A 1 5 ? -1.711  -0.731  6.727   1.00 0.00 ? 5 DC  A C5     1 
ATOM   145 C C6     . DC  A 1 5 ? -2.453  0.379   6.807   1.00 0.00 ? 5 DC  A C6     1 
ATOM   146 H "H5'"  . DC  A 1 5 ? -1.258  2.231   5.513   1.00 0.00 ? 5 DC  A "H5'"  1 
ATOM   147 H "H5''" . DC  A 1 5 ? -0.603  3.879   5.446   1.00 0.00 ? 5 DC  A "H5''" 1 
ATOM   148 H "H4'"  . DC  A 1 5 ? -2.598  4.807   5.690   1.00 0.00 ? 5 DC  A "H4'"  1 
ATOM   149 H "H3'"  . DC  A 1 5 ? -2.653  3.697   8.174   1.00 0.00 ? 5 DC  A "H3'"  1 
ATOM   150 H "H2'"  . DC  A 1 5 ? -3.983  1.793   8.068   1.00 0.00 ? 5 DC  A "H2'"  1 
ATOM   151 H "H2''" . DC  A 1 5 ? -5.304  2.780   7.477   1.00 0.00 ? 5 DC  A "H2''" 1 
ATOM   152 H "H1'"  . DC  A 1 5 ? -5.093  1.771   5.447   1.00 0.00 ? 5 DC  A "H1'"  1 
ATOM   153 H H41    . DC  A 1 5 ? -1.230  -3.194  4.571   1.00 0.00 ? 5 DC  A H41    1 
ATOM   154 H H42    . DC  A 1 5 ? -0.481  -2.928  6.131   1.00 0.00 ? 5 DC  A H42    1 
ATOM   155 H H5     . DC  A 1 5 ? -1.032  -1.018  7.530   1.00 0.00 ? 5 DC  A H5     1 
ATOM   156 H H6     . DC  A 1 5 ? -2.373  1.011   7.692   1.00 0.00 ? 5 DC  A H6     1 
ATOM   157 P P      . DA  A 1 6 ? -3.552  6.215   8.249   1.00 0.00 ? 6 DA  A P      1 
ATOM   158 O OP1    . DA  A 1 6 ? -2.956  7.087   7.205   1.00 0.00 ? 6 DA  A OP1    1 
ATOM   159 O OP2    . DA  A 1 6 ? -2.716  5.750   9.384   1.00 0.00 ? 6 DA  A OP2    1 
ATOM   160 O "O5'"  . DA  A 1 6 ? -4.828  6.960   8.847   1.00 0.00 ? 6 DA  A "O5'"  1 
ATOM   161 C "C5'"  . DA  A 1 6 ? -5.934  6.222   9.370   1.00 0.00 ? 6 DA  A "C5'"  1 
ATOM   162 C "C4'"  . DA  A 1 6 ? -7.208  6.629   8.669   1.00 0.00 ? 6 DA  A "C4'"  1 
ATOM   163 O "O4'"  . DA  A 1 6 ? -7.026  6.510   7.242   1.00 0.00 ? 6 DA  A "O4'"  1 
ATOM   164 C "C3'"  . DA  A 1 6 ? -8.423  5.762   8.982   1.00 0.00 ? 6 DA  A "C3'"  1 
ATOM   165 O "O3'"  . DA  A 1 6 ? -9.115  6.263   10.128  1.00 0.00 ? 6 DA  A "O3'"  1 
ATOM   166 C "C2'"  . DA  A 1 6 ? -9.272  5.905   7.733   1.00 0.00 ? 6 DA  A "C2'"  1 
ATOM   167 C "C1'"  . DA  A 1 6 ? -8.255  6.157   6.618   1.00 0.00 ? 6 DA  A "C1'"  1 
ATOM   168 N N9     . DA  A 1 6 ? -7.999  5.009   5.747   1.00 0.00 ? 6 DA  A N9     1 
ATOM   169 C C8     . DA  A 1 6 ? -8.773  3.886   5.570   1.00 0.00 ? 6 DA  A C8     1 
ATOM   170 N N7     . DA  A 1 6 ? -8.277  3.034   4.707   1.00 0.00 ? 6 DA  A N7     1 
ATOM   171 C C5     . DA  A 1 6 ? -7.095  3.631   4.290   1.00 0.00 ? 6 DA  A C5     1 
ATOM   172 C C6     . DA  A 1 6 ? -6.104  3.229   3.380   1.00 0.00 ? 6 DA  A C6     1 
ATOM   173 N N6     . DA  A 1 6 ? -6.143  2.083   2.699   1.00 0.00 ? 6 DA  A N6     1 
ATOM   174 N N1     . DA  A 1 6 ? -5.053  4.055   3.190   1.00 0.00 ? 6 DA  A N1     1 
ATOM   175 C C2     . DA  A 1 6 ? -5.010  5.204   3.876   1.00 0.00 ? 6 DA  A C2     1 
ATOM   176 N N3     . DA  A 1 6 ? -5.878  5.691   4.760   1.00 0.00 ? 6 DA  A N3     1 
ATOM   177 C C4     . DA  A 1 6 ? -6.911  4.847   4.924   1.00 0.00 ? 6 DA  A C4     1 
ATOM   178 H "H5'"  . DA  A 1 6 ? -6.035  6.419   10.436  1.00 0.00 ? 6 DA  A "H5'"  1 
ATOM   179 H "H5''" . DA  A 1 6 ? -5.768  5.155   9.218   1.00 0.00 ? 6 DA  A "H5''" 1 
ATOM   180 H "H4'"  . DA  A 1 6 ? -7.454  7.643   8.988   1.00 0.00 ? 6 DA  A "H4'"  1 
ATOM   181 H "H3'"  . DA  A 1 6 ? -8.132  4.727   9.162   1.00 0.00 ? 6 DA  A "H3'"  1 
ATOM   182 H "HO3'" . DA  A 1 6 ? -9.649  5.546   10.478  1.00 0.00 ? 6 DA  A "HO3'" 1 
ATOM   183 H "H2'"  . DA  A 1 6 ? -9.868  5.011   7.553   1.00 0.00 ? 6 DA  A "H2'"  1 
ATOM   184 H "H2''" . DA  A 1 6 ? -9.961  6.747   7.817   1.00 0.00 ? 6 DA  A "H2''" 1 
ATOM   185 H "H1'"  . DA  A 1 6 ? -8.565  6.998   5.996   1.00 0.00 ? 6 DA  A "H1'"  1 
ATOM   186 H H8     . DA  A 1 6 ? -9.701  3.720   6.093   1.00 0.00 ? 6 DA  A H8     1 
ATOM   187 H H61    . DA  A 1 6 ? -5.392  1.855   2.064   1.00 0.00 ? 6 DA  A H61    1 
ATOM   188 H H62    . DA  A 1 6 ? -6.919  1.449   2.826   1.00 0.00 ? 6 DA  A H62    1 
ATOM   189 H H2     . DA  A 1 6 ? -4.137  5.828   3.687   1.00 0.00 ? 6 DA  A H2     1 
HETATM 190 N "N5'"  . 5AT B 1 1 ? -4.295  -5.917  4.881   1.00 0.00 ? 1 5AT B "N5'"  1 
HETATM 191 N N1     . 5AT B 1 1 ? -8.655  -6.129  4.075   1.00 0.00 ? 1 5AT B N1     1 
HETATM 192 C C6     . 5AT B 1 1 ? -8.235  -5.024  4.784   1.00 0.00 ? 1 5AT B C6     1 
HETATM 193 C C2     . 5AT B 1 1 ? -9.979  -6.506  4.053   1.00 0.00 ? 1 5AT B C2     1 
HETATM 194 O O2     . 5AT B 1 1 ? -10.386 -7.476  3.436   1.00 0.00 ? 1 5AT B O2     1 
HETATM 195 N N3     . 5AT B 1 1 ? -10.814 -5.704  4.783   1.00 0.00 ? 1 5AT B N3     1 
HETATM 196 C C4     . 5AT B 1 1 ? -10.469 -4.590  5.519   1.00 0.00 ? 1 5AT B C4     1 
HETATM 197 O O4     . 5AT B 1 1 ? -11.334 -3.970  6.129   1.00 0.00 ? 1 5AT B O4     1 
HETATM 198 C C5     . 5AT B 1 1 ? -9.064  -4.252  5.501   1.00 0.00 ? 1 5AT B C5     1 
HETATM 199 C C7     . 5AT B 1 1 ? -8.591  -3.077  6.298   1.00 0.00 ? 1 5AT B C7     1 
HETATM 200 C "C2'"  . 5AT B 1 1 ? -7.182  -6.303  2.029   1.00 0.00 ? 1 5AT B "C2'"  1 
HETATM 201 C "C5'"  . 5AT B 1 1 ? -4.130  -7.058  3.912   1.00 0.00 ? 1 5AT B "C5'"  1 
HETATM 202 C "C4'"  . 5AT B 1 1 ? -5.435  -7.452  3.255   1.00 0.00 ? 1 5AT B "C4'"  1 
HETATM 203 O "O4'"  . 5AT B 1 1 ? -6.545  -7.134  4.122   1.00 0.00 ? 1 5AT B "O4'"  1 
HETATM 204 C "C1'"  . 5AT B 1 1 ? -7.685  -6.943  3.315   1.00 0.00 ? 1 5AT B "C1'"  1 
HETATM 205 C "C3'"  . 5AT B 1 1 ? -5.717  -6.721  1.941   1.00 0.00 ? 1 5AT B "C3'"  1 
HETATM 206 O "O3'"  . 5AT B 1 1 ? -5.455  -7.578  0.813   1.00 0.00 ? 1 5AT B "O3'"  1 
HETATM 207 H HN51   . 5AT B 1 1 ? -3.882  -6.014  5.748   1.00 0.00 ? 1 5AT B HN51   1 
HETATM 208 H H6     . 5AT B 1 1 ? -7.180  -4.766  4.757   1.00 0.00 ? 1 5AT B H6     1 
HETATM 209 H H3     . 5AT B 1 1 ? -11.791 -5.955  4.778   1.00 0.00 ? 1 5AT B H3     1 
HETATM 210 H H71    . 5AT B 1 1 ? -7.686  -3.348  6.844   1.00 0.00 ? 1 5AT B H71    1 
HETATM 211 H H72    . 5AT B 1 1 ? -9.366  -2.780  7.006   1.00 0.00 ? 1 5AT B H72    1 
HETATM 212 H H73    . 5AT B 1 1 ? -8.374  -2.245  5.628   1.00 0.00 ? 1 5AT B H73    1 
HETATM 213 H "H2'"  . 5AT B 1 1 ? -7.274  -5.217  2.047   1.00 0.00 ? 1 5AT B "H2'"  1 
HETATM 214 H "H2''" . 5AT B 1 1 ? -7.743  -6.655  1.165   1.00 0.00 ? 1 5AT B "H2''" 1 
HETATM 215 H "H5'"  . 5AT B 1 1 ? -3.421  -6.761  3.139   1.00 0.00 ? 1 5AT B "H5'"  1 
HETATM 216 H "H5''" . 5AT B 1 1 ? -3.730  -7.919  4.445   1.00 0.00 ? 1 5AT B "H5''" 1 
HETATM 217 H "H4'"  . 5AT B 1 1 ? -5.368  -8.514  3.008   1.00 0.00 ? 1 5AT B "H4'"  1 
HETATM 218 H "H1'"  . 5AT B 1 1 ? -8.131  -7.920  3.122   1.00 0.00 ? 1 5AT B "H1'"  1 
HETATM 219 H "H3'"  . 5AT B 1 1 ? -5.071  -5.851  1.859   1.00 0.00 ? 1 5AT B "H3'"  1 
ATOM   220 P P      . DG  B 1 2 ? -6.279  -8.947  0.603   1.00 0.00 ? 2 DG  B P      1 
ATOM   221 O OP1    . DG  B 1 2 ? -7.445  -9.001  1.517   1.00 0.00 ? 2 DG  B OP1    1 
ATOM   222 O OP2    . DG  B 1 2 ? -5.285  -10.049 0.625   1.00 0.00 ? 2 DG  B OP2    1 
ATOM   223 O "O5'"  . DG  B 1 2 ? -6.825  -8.828  -0.890  1.00 0.00 ? 2 DG  B "O5'"  1 
ATOM   224 C "C5'"  . DG  B 1 2 ? -7.989  -8.055  -1.190  1.00 0.00 ? 2 DG  B "C5'"  1 
ATOM   225 C "C4'"  . DG  B 1 2 ? -7.596  -6.710  -1.756  1.00 0.00 ? 2 DG  B "C4'"  1 
ATOM   226 O "O4'"  . DG  B 1 2 ? -6.805  -5.993  -0.776  1.00 0.00 ? 2 DG  B "O4'"  1 
ATOM   227 C "C3'"  . DG  B 1 2 ? -6.755  -6.763  -3.036  1.00 0.00 ? 2 DG  B "C3'"  1 
ATOM   228 O "O3'"  . DG  B 1 2 ? -7.406  -5.963  -4.041  1.00 0.00 ? 2 DG  B "O3'"  1 
ATOM   229 C "C2'"  . DG  B 1 2 ? -5.397  -6.221  -2.606  1.00 0.00 ? 2 DG  B "C2'"  1 
ATOM   230 C "C1'"  . DG  B 1 2 ? -5.735  -5.342  -1.427  1.00 0.00 ? 2 DG  B "C1'"  1 
ATOM   231 N N9     . DG  B 1 2 ? -4.653  -5.167  -0.461  1.00 0.00 ? 2 DG  B N9     1 
ATOM   232 C C8     . DG  B 1 2 ? -3.614  -6.032  -0.216  1.00 0.00 ? 2 DG  B C8     1 
ATOM   233 N N7     . DG  B 1 2 ? -2.811  -5.618  0.726   1.00 0.00 ? 2 DG  B N7     1 
ATOM   234 C C5     . DG  B 1 2 ? -3.348  -4.402  1.123   1.00 0.00 ? 2 DG  B C5     1 
ATOM   235 C C6     . DG  B 1 2 ? -2.913  -3.487  2.116   1.00 0.00 ? 2 DG  B C6     1 
ATOM   236 O O6     . DG  B 1 2 ? -1.937  -3.575  2.870   1.00 0.00 ? 2 DG  B O6     1 
ATOM   237 N N1     . DG  B 1 2 ? -3.748  -2.380  2.192   1.00 0.00 ? 2 DG  B N1     1 
ATOM   238 C C2     . DG  B 1 2 ? -4.859  -2.174  1.414   1.00 0.00 ? 2 DG  B C2     1 
ATOM   239 N N2     . DG  B 1 2 ? -5.530  -1.039  1.638   1.00 0.00 ? 2 DG  B N2     1 
ATOM   240 N N3     . DG  B 1 2 ? -5.278  -3.018  0.484   1.00 0.00 ? 2 DG  B N3     1 
ATOM   241 C C4     . DG  B 1 2 ? -4.482  -4.104  0.396   1.00 0.00 ? 2 DG  B C4     1 
ATOM   242 H "H5'"  . DG  B 1 2 ? -8.575  -7.903  -0.283  1.00 0.00 ? 2 DG  B "H5'"  1 
ATOM   243 H "H5''" . DG  B 1 2 ? -8.600  -8.584  -1.922  1.00 0.00 ? 2 DG  B "H5''" 1 
ATOM   244 H "H4'"  . DG  B 1 2 ? -8.521  -6.189  -2.019  1.00 0.00 ? 2 DG  B "H4'"  1 
ATOM   245 H "H3'"  . DG  B 1 2 ? -6.677  -7.787  -3.402  1.00 0.00 ? 2 DG  B "H3'"  1 
ATOM   246 H "H2'"  . DG  B 1 2 ? -4.717  -7.029  -2.334  1.00 0.00 ? 2 DG  B "H2'"  1 
ATOM   247 H "H2''" . DG  B 1 2 ? -4.922  -5.642  -3.394  1.00 0.00 ? 2 DG  B "H2''" 1 
ATOM   248 H "H1'"  . DG  B 1 2 ? -6.079  -4.360  -1.752  1.00 0.00 ? 2 DG  B "H1'"  1 
ATOM   249 H H8     . DG  B 1 2 ? -3.477  -6.962  -0.746  1.00 0.00 ? 2 DG  B H8     1 
ATOM   250 H H1     . DG  B 1 2 ? -3.519  -1.673  2.875   1.00 0.00 ? 2 DG  B H1     1 
ATOM   251 H H21    . DG  B 1 2 ? -5.217  -0.402  2.357   1.00 0.00 ? 2 DG  B H21    1 
ATOM   252 H H22    . DG  B 1 2 ? -6.355  -0.833  1.094   1.00 0.00 ? 2 DG  B H22    1 
ATOM   253 P P      . DC  B 1 3 ? -6.543  -5.161  -5.138  1.00 0.00 ? 3 DC  B P      1 
ATOM   254 O OP1    . DC  B 1 3 ? -7.455  -4.820  -6.258  1.00 0.00 ? 3 DC  B OP1    1 
ATOM   255 O OP2    . DC  B 1 3 ? -5.295  -5.919  -5.418  1.00 0.00 ? 3 DC  B OP2    1 
ATOM   256 O "O5'"  . DC  B 1 3 ? -6.165  -3.806  -4.391  1.00 0.00 ? 3 DC  B "O5'"  1 
ATOM   257 C "C5'"  . DC  B 1 3 ? -7.174  -3.017  -3.751  1.00 0.00 ? 3 DC  B "C5'"  1 
ATOM   258 C "C4'"  . DC  B 1 3 ? -6.825  -1.549  -3.835  1.00 0.00 ? 3 DC  B "C4'"  1 
ATOM   259 O "O4'"  . DC  B 1 3 ? -5.846  -1.242  -2.815  1.00 0.00 ? 3 DC  B "O4'"  1 
ATOM   260 C "C3'"  . DC  B 1 3 ? -6.200  -1.108  -5.157  1.00 0.00 ? 3 DC  B "C3'"  1 
ATOM   261 O "O3'"  . DC  B 1 3 ? -6.556  0.248   -5.457  1.00 0.00 ? 3 DC  B "O3'"  1 
ATOM   262 C "C2'"  . DC  B 1 3 ? -4.709  -1.230  -4.896  1.00 0.00 ? 3 DC  B "C2'"  1 
ATOM   263 C "C1'"  . DC  B 1 3 ? -4.577  -0.977  -3.399  1.00 0.00 ? 3 DC  B "C1'"  1 
ATOM   264 N N1     . DC  B 1 3 ? -3.586  -1.828  -2.717  1.00 0.00 ? 3 DC  B N1     1 
ATOM   265 C C2     . DC  B 1 3 ? -2.781  -1.265  -1.723  1.00 0.00 ? 3 DC  B C2     1 
ATOM   266 O O2     . DC  B 1 3 ? -2.916  -0.064  -1.447  1.00 0.00 ? 3 DC  B O2     1 
ATOM   267 N N3     . DC  B 1 3 ? -1.873  -2.042  -1.089  1.00 0.00 ? 3 DC  B N3     1 
ATOM   268 C C4     . DC  B 1 3 ? -1.751  -3.328  -1.419  1.00 0.00 ? 3 DC  B C4     1 
ATOM   269 N N4     . DC  B 1 3 ? -0.841  -4.056  -0.771  1.00 0.00 ? 3 DC  B N4     1 
ATOM   270 C C5     . DC  B 1 3 ? -2.557  -3.928  -2.430  1.00 0.00 ? 3 DC  B C5     1 
ATOM   271 C C6     . DC  B 1 3 ? -3.454  -3.149  -3.046  1.00 0.00 ? 3 DC  B C6     1 
ATOM   272 H "H5'"  . DC  B 1 3 ? -7.257  -3.306  -2.701  1.00 0.00 ? 3 DC  B "H5'"  1 
ATOM   273 H "H5''" . DC  B 1 3 ? -8.135  -3.182  -4.242  1.00 0.00 ? 3 DC  B "H5''" 1 
ATOM   274 H "H4'"  . DC  B 1 3 ? -7.751  -0.984  -3.724  1.00 0.00 ? 3 DC  B "H4'"  1 
ATOM   275 H "H3'"  . DC  B 1 3 ? -6.522  -1.751  -5.975  1.00 0.00 ? 3 DC  B "H3'"  1 
ATOM   276 H "H2'"  . DC  B 1 3 ? -4.335  -2.211  -5.184  1.00 0.00 ? 3 DC  B "H2'"  1 
ATOM   277 H "H2''" . DC  B 1 3 ? -4.148  -0.487  -5.460  1.00 0.00 ? 3 DC  B "H2''" 1 
ATOM   278 H "H1'"  . DC  B 1 3 ? -4.330  0.067   -3.201  1.00 0.00 ? 3 DC  B "H1'"  1 
ATOM   279 H H41    . DC  B 1 3 ? -0.272  -3.631  -0.054  1.00 0.00 ? 3 DC  B H41    1 
ATOM   280 H H42    . DC  B 1 3 ? -0.720  -5.034  -0.992  1.00 0.00 ? 3 DC  B H42    1 
ATOM   281 H H5     . DC  B 1 3 ? -2.446  -4.980  -2.692  1.00 0.00 ? 3 DC  B H5     1 
ATOM   282 H H6     . DC  B 1 3 ? -4.091  -3.579  -3.818  1.00 0.00 ? 3 DC  B H6     1 
ATOM   283 P P      . DG  B 1 4 ? -6.111  0.903   -6.859  1.00 0.00 ? 4 DG  B P      1 
ATOM   284 O OP1    . DG  B 1 4 ? -7.265  1.686   -7.368  1.00 0.00 ? 4 DG  B OP1    1 
ATOM   285 O OP2    . DG  B 1 4 ? -5.512  -0.159  -7.709  1.00 0.00 ? 4 DG  B OP2    1 
ATOM   286 O "O5'"  . DG  B 1 4 ? -4.955  1.926   -6.460  1.00 0.00 ? 4 DG  B "O5'"  1 
ATOM   287 C "C5'"  . DG  B 1 4 ? -5.250  3.126   -5.744  1.00 0.00 ? 4 DG  B "C5'"  1 
ATOM   288 C "C4'"  . DG  B 1 4 ? -3.976  3.764   -5.242  1.00 0.00 ? 4 DG  B "C4'"  1 
ATOM   289 O "O4'"  . DG  B 1 4 ? -3.252  2.791   -4.446  1.00 0.00 ? 4 DG  B "O4'"  1 
ATOM   290 C "C3'"  . DG  B 1 4 ? -3.005  4.226   -6.332  1.00 0.00 ? 4 DG  B "C3'"  1 
ATOM   291 O "O3'"  . DG  B 1 4 ? -2.421  5.484   -5.967  1.00 0.00 ? 4 DG  B "O3'"  1 
ATOM   292 C "C2'"  . DG  B 1 4 ? -1.958  3.125   -6.361  1.00 0.00 ? 4 DG  B "C2'"  1 
ATOM   293 C "C1'"  . DG  B 1 4 ? -1.919  2.694   -4.911  1.00 0.00 ? 4 DG  B "C1'"  1 
ATOM   294 N N9     . DG  B 1 4 ? -1.463  1.325   -4.688  1.00 0.00 ? 4 DG  B N9     1 
ATOM   295 C C8     . DG  B 1 4 ? -1.796  0.210   -5.417  1.00 0.00 ? 4 DG  B C8     1 
ATOM   296 N N7     . DG  B 1 4 ? -1.235  -0.881  -4.974  1.00 0.00 ? 4 DG  B N7     1 
ATOM   297 C C5     . DG  B 1 4 ? -0.482  -0.460  -3.887  1.00 0.00 ? 4 DG  B C5     1 
ATOM   298 C C6     . DG  B 1 4 ? 0.349   -1.196  -3.003  1.00 0.00 ? 4 DG  B C6     1 
ATOM   299 O O6     . DG  B 1 4 ? 0.589   -2.408  -3.002  1.00 0.00 ? 4 DG  B O6     1 
ATOM   300 N N1     . DG  B 1 4 ? 0.929   -0.375  -2.042  1.00 0.00 ? 4 DG  B N1     1 
ATOM   301 C C2     . DG  B 1 4 ? 0.733   0.979   -1.941  1.00 0.00 ? 4 DG  B C2     1 
ATOM   302 N N2     . DG  B 1 4 ? 1.376   1.593   -0.942  1.00 0.00 ? 4 DG  B N2     1 
ATOM   303 N N3     . DG  B 1 4 ? -0.038  1.678   -2.756  1.00 0.00 ? 4 DG  B N3     1 
ATOM   304 C C4     . DG  B 1 4 ? -0.610  0.900   -3.698  1.00 0.00 ? 4 DG  B C4     1 
ATOM   305 H "H5'"  . DG  B 1 4 ? -5.893  2.897   -4.893  1.00 0.00 ? 4 DG  B "H5'"  1 
ATOM   306 H "H5''" . DG  B 1 4 ? -5.766  3.828   -6.401  1.00 0.00 ? 4 DG  B "H5''" 1 
ATOM   307 H "H4'"  . DG  B 1 4 ? -4.256  4.654   -4.677  1.00 0.00 ? 4 DG  B "H4'"  1 
ATOM   308 H "H3'"  . DG  B 1 4 ? -3.512  4.331   -7.291  1.00 0.00 ? 4 DG  B "H3'"  1 
ATOM   309 H "H2'"  . DG  B 1 4 ? -2.256  2.313   -7.026  1.00 0.00 ? 4 DG  B "H2'"  1 
ATOM   310 H "H2''" . DG  B 1 4 ? -0.997  3.498   -6.710  1.00 0.00 ? 4 DG  B "H2''" 1 
ATOM   311 H "H1'"  . DG  B 1 4 ? -1.306  3.370   -4.314  1.00 0.00 ? 4 DG  B "H1'"  1 
ATOM   312 H H8     . DG  B 1 4 ? -2.454  0.235   -6.273  1.00 0.00 ? 4 DG  B H8     1 
ATOM   313 H H1     . DG  B 1 4 ? 1.544   -0.804  -1.365  1.00 0.00 ? 4 DG  B H1     1 
ATOM   314 H H21    . DG  B 1 4 ? 1.965   1.065   -0.309  1.00 0.00 ? 4 DG  B H21    1 
ATOM   315 H H22    . DG  B 1 4 ? 1.269   2.589   -0.816  1.00 0.00 ? 4 DG  B H22    1 
ATOM   316 P P      . DC  B 1 5 ? -1.194  6.079   -6.819  1.00 0.00 ? 5 DC  B P      1 
ATOM   317 O OP1    . DC  B 1 5 ? -0.963  7.470   -6.355  1.00 0.00 ? 5 DC  B OP1    1 
ATOM   318 O OP2    . DC  B 1 5 ? -1.451  5.821   -8.259  1.00 0.00 ? 5 DC  B OP2    1 
ATOM   319 O "O5'"  . DC  B 1 5 ? 0.052   5.198   -6.364  1.00 0.00 ? 5 DC  B "O5'"  1 
ATOM   320 C "C5'"  . DC  B 1 5 ? 0.387   5.055   -4.981  1.00 0.00 ? 5 DC  B "C5'"  1 
ATOM   321 C "C4'"  . DC  B 1 5 ? 1.662   5.802   -4.670  1.00 0.00 ? 5 DC  B "C4'"  1 
ATOM   322 O "O4'"  . DC  B 1 5 ? 2.602   4.886   -4.075  1.00 0.00 ? 5 DC  B "O4'"  1 
ATOM   323 C "C3'"  . DC  B 1 5 ? 2.382   6.399   -5.880  1.00 0.00 ? 5 DC  B "C3'"  1 
ATOM   324 O "O3'"  . DC  B 1 5 ? 2.964   7.661   -5.539  1.00 0.00 ? 5 DC  B "O3'"  1 
ATOM   325 C "C2'"  . DC  B 1 5 ? 3.470   5.389   -6.213  1.00 0.00 ? 5 DC  B "C2'"  1 
ATOM   326 C "C1'"  . DC  B 1 5 ? 3.449   4.369   -5.080  1.00 0.00 ? 5 DC  B "C1'"  1 
ATOM   327 N N1     . DC  B 1 5 ? 2.937   3.044   -5.471  1.00 0.00 ? 5 DC  B N1     1 
ATOM   328 C C2     . DC  B 1 5 ? 3.348   1.920   -4.749  1.00 0.00 ? 5 DC  B C2     1 
ATOM   329 O O2     . DC  B 1 5 ? 4.111   2.066   -3.782  1.00 0.00 ? 5 DC  B O2     1 
ATOM   330 N N3     . DC  B 1 5 ? 2.906   0.700   -5.123  1.00 0.00 ? 5 DC  B N3     1 
ATOM   331 C C4     . DC  B 1 5 ? 2.087   0.578   -6.169  1.00 0.00 ? 5 DC  B C4     1 
ATOM   332 N N4     . DC  B 1 5 ? 1.708   -0.648  -6.521  1.00 0.00 ? 5 DC  B N4     1 
ATOM   333 C C5     . DC  B 1 5 ? 1.633   1.708   -6.906  1.00 0.00 ? 5 DC  B C5     1 
ATOM   334 C C6     . DC  B 1 5 ? 2.081   2.911   -6.528  1.00 0.00 ? 5 DC  B C6     1 
ATOM   335 H "H5'"  . DC  B 1 5 ? 0.527   4.001   -4.745  1.00 0.00 ? 5 DC  B "H5'"  1 
ATOM   336 H "H5''" . DC  B 1 5 ? -0.419  5.454   -4.364  1.00 0.00 ? 5 DC  B "H5''" 1 
ATOM   337 H "H4'"  . DC  B 1 5 ? 1.405   6.637   -4.016  1.00 0.00 ? 5 DC  B "H4'"  1 
ATOM   338 H "H3'"  . DC  B 1 5 ? 1.694   6.540   -6.712  1.00 0.00 ? 5 DC  B "H3'"  1 
ATOM   339 H "H2'"  . DC  B 1 5 ? 3.298   4.929   -7.185  1.00 0.00 ? 5 DC  B "H2'"  1 
ATOM   340 H "H2''" . DC  B 1 5 ? 4.450   5.859   -6.246  1.00 0.00 ? 5 DC  B "H2''" 1 
ATOM   341 H "H1'"  . DC  B 1 5 ? 4.443   4.242   -4.650  1.00 0.00 ? 5 DC  B "H1'"  1 
ATOM   342 H H41    . DC  B 1 5 ? 2.022   -1.442  -5.982  1.00 0.00 ? 5 DC  B H41    1 
ATOM   343 H H42    . DC  B 1 5 ? 1.098   -0.774  -7.317  1.00 0.00 ? 5 DC  B H42    1 
ATOM   344 H H5     . DC  B 1 5 ? 0.946   1.598   -7.745  1.00 0.00 ? 5 DC  B H5     1 
ATOM   345 H H6     . DC  B 1 5 ? 1.758   3.797   -7.074  1.00 0.00 ? 5 DC  B H6     1 
ATOM   346 P P      . DA  B 1 6 ? 2.179   9.021   -5.884  1.00 0.00 ? 6 DA  B P      1 
ATOM   347 O OP1    . DA  B 1 6 ? 1.188   9.282   -4.810  1.00 0.00 ? 6 DA  B OP1    1 
ATOM   348 O OP2    . DA  B 1 6 ? 1.724   8.925   -7.295  1.00 0.00 ? 6 DA  B OP2    1 
ATOM   349 O "O5'"  . DA  B 1 6 ? 3.303   10.149  -5.811  1.00 0.00 ? 6 DA  B "O5'"  1 
ATOM   350 C "C5'"  . DA  B 1 6 ? 4.432   10.013  -4.946  1.00 0.00 ? 6 DA  B "C5'"  1 
ATOM   351 C "C4'"  . DA  B 1 6 ? 4.005   10.157  -3.503  1.00 0.00 ? 6 DA  B "C4'"  1 
ATOM   352 O "O4'"  . DA  B 1 6 ? 3.490   8.884   -3.045  1.00 0.00 ? 6 DA  B "O4'"  1 
ATOM   353 C "C3'"  . DA  B 1 6 ? 5.127   10.533  -2.536  1.00 0.00 ? 6 DA  B "C3'"  1 
ATOM   354 O "O3'"  . DA  B 1 6 ? 5.086   11.932  -2.249  1.00 0.00 ? 6 DA  B "O3'"  1 
ATOM   355 C "C2'"  . DA  B 1 6 ? 4.811   9.726   -1.291  1.00 0.00 ? 6 DA  B "C2'"  1 
ATOM   356 C "C1'"  . DA  B 1 6 ? 4.135   8.486   -1.847  1.00 0.00 ? 6 DA  B "C1'"  1 
ATOM   357 N N9     . DA  B 1 6 ? 5.045   7.388   -2.171  1.00 0.00 ? 6 DA  B N9     1 
ATOM   358 C C8     . DA  B 1 6 ? 6.260   7.459   -2.805  1.00 0.00 ? 6 DA  B C8     1 
ATOM   359 N N7     . DA  B 1 6 ? 6.850   6.297   -2.952  1.00 0.00 ? 6 DA  B N7     1 
ATOM   360 C C5     . DA  B 1 6 ? 5.962   5.399   -2.377  1.00 0.00 ? 6 DA  B C5     1 
ATOM   361 C C6     . DA  B 1 6 ? 6.003   4.005   -2.210  1.00 0.00 ? 6 DA  B C6     1 
ATOM   362 N N6     . DA  B 1 6 ? 7.014   3.239   -2.623  1.00 0.00 ? 6 DA  B N6     1 
ATOM   363 N N1     . DA  B 1 6 ? 4.955   3.415   -1.595  1.00 0.00 ? 6 DA  B N1     1 
ATOM   364 C C2     . DA  B 1 6 ? 3.942   4.183   -1.178  1.00 0.00 ? 6 DA  B C2     1 
ATOM   365 N N3     . DA  B 1 6 ? 3.788   5.502   -1.276  1.00 0.00 ? 6 DA  B N3     1 
ATOM   366 C C4     . DA  B 1 6 ? 4.845   6.057   -1.893  1.00 0.00 ? 6 DA  B C4     1 
ATOM   367 H "H5'"  . DA  B 1 6 ? 5.168   10.782  -5.179  1.00 0.00 ? 6 DA  B "H5'"  1 
ATOM   368 H "H5''" . DA  B 1 6 ? 4.886   9.031   -5.087  1.00 0.00 ? 6 DA  B "H5''" 1 
ATOM   369 H "H4'"  . DA  B 1 6 ? 3.268   10.961  -3.456  1.00 0.00 ? 6 DA  B "H4'"  1 
ATOM   370 H "H3'"  . DA  B 1 6 ? 6.104   10.281  -2.950  1.00 0.00 ? 6 DA  B "H3'"  1 
ATOM   371 H "HO3'" . DA  B 1 6 ? 5.311   12.042  -1.322  1.00 0.00 ? 6 DA  B "HO3'" 1 
ATOM   372 H "H2'"  . DA  B 1 6 ? 5.717   9.486   -0.731  1.00 0.00 ? 6 DA  B "H2'"  1 
ATOM   373 H "H2''" . DA  B 1 6 ? 4.149   10.272  -0.622  1.00 0.00 ? 6 DA  B "H2''" 1 
ATOM   374 H "H1'"  . DA  B 1 6 ? 3.372   8.115   -1.161  1.00 0.00 ? 6 DA  B "H1'"  1 
ATOM   375 H H8     . DA  B 1 6 ? 6.691   8.387   -3.148  1.00 0.00 ? 6 DA  B H8     1 
ATOM   376 H H61    . DA  B 1 6 ? 6.985   2.239   -2.483  1.00 0.00 ? 6 DA  B H61    1 
ATOM   377 H H62    . DA  B 1 6 ? 7.807   3.661   -3.085  1.00 0.00 ? 6 DA  B H62    1 
ATOM   378 H H2     . DA  B 1 6 ? 3.124   3.653   -0.689  1.00 0.00 ? 6 DA  B H2     1 
HETATM 379 C C1     . OXI C 2 . ? 5.927   -1.786  -5.432  1.00 0.00 ? 0 OXI A C1     1 
HETATM 380 O O1     . OXI C 2 . ? 6.599   -1.778  -4.434  1.00 0.00 ? 0 OXI A O1     1 
HETATM 381 C C3     . OXI C 2 . ? 5.721   -0.519  -6.174  1.00 0.00 ? 0 OXI A C3     1 
HETATM 382 C C2     . OXI C 2 . ? 4.933   -0.473  -7.322  1.00 0.00 ? 0 OXI A C2     1 
HETATM 383 N N1     . OXI C 2 . ? 4.794   0.594   -8.120  1.00 0.00 ? 0 OXI A N1     1 
HETATM 384 C C4     . OXI C 2 . ? 6.128   0.695   -5.641  1.00 0.00 ? 0 OXI A C4     1 
HETATM 385 O O4     . OXI C 2 . ? 6.811   0.728   -4.648  1.00 0.00 ? 0 OXI A O4     1 
HETATM 386 C C10    . OXI C 2 . ? 6.026   1.838   -6.441  1.00 0.00 ? 0 OXI A C10    1 
HETATM 387 C C9     . OXI C 2 . ? 5.255   1.776   -7.626  1.00 0.00 ? 0 OXI A C9     1 
HETATM 388 C C8     . OXI C 2 . ? 5.197   2.975   -8.376  1.00 0.00 ? 0 OXI A C8     1 
HETATM 389 C C5     . OXI C 2 . ? 6.490   3.054   -5.906  1.00 0.00 ? 0 OXI A C5     1 
HETATM 390 C C7     . OXI C 2 . ? 5.724   4.160   -7.882  1.00 0.00 ? 0 OXI A C7     1 
HETATM 391 C C6     . OXI C 2 . ? 6.380   4.205   -6.677  1.00 0.00 ? 0 OXI A C6     1 
HETATM 392 O O6     . OXI C 2 . ? 6.745   5.480   -6.412  1.00 0.00 ? 0 OXI A O6     1 
HETATM 393 O O7     . OXI C 2 . ? 5.769   5.384   -8.453  1.00 0.00 ? 0 OXI A O7     1 
HETATM 394 C C11    . OXI C 2 . ? 6.393   6.272   -7.540  1.00 0.00 ? 0 OXI A C11    1 
HETATM 395 C C12    . OXI C 2 . ? 3.905   0.478   -9.307  1.00 0.00 ? 0 OXI A C12    1 
HETATM 396 C C13    . OXI C 2 . ? 2.920   1.602   -9.683  1.00 0.00 ? 0 OXI A C13    1 
HETATM 397 H H2     . OXI C 2 . ? 4.602   -1.445  -7.748  1.00 0.00 ? 0 OXI A H2     1 
HETATM 398 H H8     . OXI C 2 . ? 4.642   3.087   -9.310  1.00 0.00 ? 0 OXI A H8     1 
HETATM 399 H H5     . OXI C 2 . ? 7.091   3.106   -4.985  1.00 0.00 ? 0 OXI A H5     1 
HETATM 400 H H111   . OXI C 2 . ? 7.310   6.716   -8.003  1.00 0.00 ? 0 OXI A H111   1 
HETATM 401 H H112   . OXI C 2 . ? 5.663   7.063   -7.234  1.00 0.00 ? 0 OXI A H112   1 
HETATM 402 H H121   . OXI C 2 . ? 4.547   0.315   -10.202 1.00 0.00 ? 0 OXI A H121   1 
HETATM 403 H H122   . OXI C 2 . ? 3.274   -0.434  -9.168  1.00 0.00 ? 0 OXI A H122   1 
HETATM 404 H H131   . OXI C 2 . ? 3.242   2.111   -10.622 1.00 0.00 ? 0 OXI A H131   1 
HETATM 405 H H132   . OXI C 2 . ? 1.897   1.191   -9.847  1.00 0.00 ? 0 OXI A H132   1 
HETATM 406 H H133   . OXI C 2 . ? 2.858   2.368   -8.878  1.00 0.00 ? 0 OXI A H133   1 
HETATM 407 C C1     . OXI D 2 . ? -4.846  -4.715  4.578   1.00 0.00 ? 0 OXI B C1     1 
HETATM 408 O O1     . OXI D 2 . ? -5.373  -4.559  3.507   1.00 0.00 ? 0 OXI B O1     1 
HETATM 409 C C3     . OXI D 2 . ? -4.964  -3.631  5.587   1.00 0.00 ? 0 OXI B C3     1 
HETATM 410 C C2     . OXI D 2 . ? -4.361  -3.730  6.838   1.00 0.00 ? 0 OXI B C2     1 
HETATM 411 N N1     . OXI D 2 . ? -4.554  -2.873  7.849   1.00 0.00 ? 0 OXI B N1     1 
HETATM 412 C C4     . OXI D 2 . ? -5.573  -2.420  5.271   1.00 0.00 ? 0 OXI B C4     1 
HETATM 413 O O4     . OXI D 2 . ? -6.112  -2.265  4.204   1.00 0.00 ? 0 OXI B O4     1 
HETATM 414 C C10    . OXI D 2 . ? -5.817  -1.506  6.304   1.00 0.00 ? 0 OXI B C10    1 
HETATM 415 C C9     . OXI D 2 . ? -5.182  -1.712  7.547   1.00 0.00 ? 0 OXI B C9     1 
HETATM 416 C C8     . OXI D 2 . ? -5.452  -0.753  8.547   1.00 0.00 ? 0 OXI B C8     1 
HETATM 417 C C5     . OXI D 2 . ? -6.469  -0.298  5.991   1.00 0.00 ? 0 OXI B C5     1 
HETATM 418 C C7     . OXI D 2 . ? -6.234  0.359   8.281   1.00 0.00 ? 0 OXI B C7     1 
HETATM 419 C C6     . OXI D 2 . ? -6.754  0.584   7.030   1.00 0.00 ? 0 OXI B C6     1 
HETATM 420 O O6     . OXI D 2 . ? -7.372  1.785   7.017   1.00 0.00 ? 0 OXI B O6     1 
HETATM 421 O O7     . OXI D 2 . ? -6.606  1.364   9.104   1.00 0.00 ? 0 OXI B O7     1 
HETATM 422 C C11    . OXI D 2 . ? -7.388  2.275   8.351   1.00 0.00 ? 0 OXI B C11    1 
HETATM 423 C C12    . OXI D 2 . ? -3.845  -3.066  9.136   1.00 0.00 ? 0 OXI B C12    1 
HETATM 424 C C13    . OXI D 2 . ? -4.664  -3.104  10.437  1.00 0.00 ? 0 OXI B C13    1 
HETATM 425 H H2     . OXI D 2 . ? -3.873  -4.694  7.095   1.00 0.00 ? 0 OXI B H2     1 
HETATM 426 H H8     . OXI D 2 . ? -5.022  -0.779  9.552   1.00 0.00 ? 0 OXI B H8     1 
HETATM 427 H H5     . OXI D 2 . ? -6.967  -0.121  5.022   1.00 0.00 ? 0 OXI B H5     1 
HETATM 428 H H111   . OXI D 2 . ? -8.435  2.303   8.745   1.00 0.00 ? 0 OXI B H111   1 
HETATM 429 H H112   . OXI D 2 . ? -6.907  3.285   8.384   1.00 0.00 ? 0 OXI B H112   1 
HETATM 430 H H121   . OXI D 2 . ? -3.109  -2.232  9.252   1.00 0.00 ? 0 OXI B H121   1 
HETATM 431 H H122   . OXI D 2 . ? -3.284  -4.031  9.088   1.00 0.00 ? 0 OXI B H122   1 
HETATM 432 H H131   . OXI D 2 . ? -4.549  -4.087  10.951  1.00 0.00 ? 0 OXI B H131   1 
HETATM 433 H H132   . OXI D 2 . ? -4.320  -2.304  11.135  1.00 0.00 ? 0 OXI B H132   1 
HETATM 434 H H133   . OXI D 2 . ? -5.747  -2.944  10.230  1.00 0.00 ? 0 OXI B H133   1 
# 
